data_2QFG
#
_entry.id   2QFG
#
_cell.length_a   1.000
_cell.length_b   1.000
_cell.length_c   1.000
_cell.angle_alpha   90.00
_cell.angle_beta   90.00
_cell.angle_gamma   90.00
#
_symmetry.space_group_name_H-M   'P 1'
#
_entity_poly.entity_id   1
_entity_poly.type   'polypeptide(L)'
_entity_poly.pdbx_seq_one_letter_code
;EFEDCNELPPRRNTEILTGSWSDQTYPEGTQAIYKCRPGYRSLGNVIMVCRKGEWVALNPLRKCQKRPCGHPGDTPFGTF
TLTGGNVFEYGVKAVYTCNEGYQLLGEINYRECDTDGWTNDIPICEVVKCLPVTAPENGKIVSSAMEPDREYHFGQAVRF
VCNSGYKIEGDEEMHCSDDGFWSKEKPKCVEISCKSPDVINGSPISQKIIYKENERFQYKCNMGYEYSERGDAVCTESGW
RPLPSCEEKSCDNPYIPNGDYSPLRIKHRTGDEITYQCRNGFYPATRGNTAKCTSTGWIPAPRCTLHHHHHH
;
_entity_poly.pdbx_strand_id   A
#
# COMPACT_ATOMS: atom_id res chain seq x y z
CA GLU A 1 62.62 0.97 20.15
CA PHE A 2 61.07 0.70 23.92
CA GLU A 3 57.25 1.11 22.89
CA ASP A 4 55.51 2.16 26.28
CA CYS A 5 52.04 1.51 26.32
CA ASN A 6 51.66 -2.24 26.38
CA GLU A 7 50.81 -4.26 23.37
CA LEU A 8 47.64 -2.82 21.91
CA PRO A 9 44.26 -4.12 22.80
CA PRO A 10 42.71 -6.94 20.89
CA ARG A 11 39.24 -6.89 19.38
CA ARG A 12 37.15 -9.90 18.45
CA ASN A 13 38.24 -11.58 15.22
CA THR A 14 40.31 -8.53 14.42
CA GLU A 15 43.89 -7.62 15.14
CA ILE A 16 46.27 -4.68 15.13
CA LEU A 17 48.25 -4.24 11.95
CA THR A 18 51.57 -3.03 13.22
CA GLY A 19 53.80 -5.89 12.22
CA SER A 20 52.67 -8.40 14.78
CA TRP A 21 55.10 -9.13 17.53
CA SER A 22 58.05 -6.80 17.40
CA ASP A 23 58.62 -4.42 20.24
CA GLN A 24 56.77 -5.18 23.48
CA THR A 25 56.03 -1.63 24.42
CA TYR A 26 55.36 1.56 22.52
CA PRO A 27 55.84 5.16 23.35
CA GLU A 28 53.18 7.74 24.05
CA GLY A 29 51.81 9.50 21.02
CA THR A 30 51.99 6.31 19.03
CA GLN A 31 49.14 5.82 16.63
CA ALA A 32 48.34 2.38 15.35
CA ILE A 33 45.79 1.20 12.86
CA TYR A 34 43.50 -1.82 13.13
CA LYS A 35 42.28 -4.24 10.53
CA CYS A 36 39.74 -7.04 10.33
CA ARG A 37 40.17 -10.42 8.71
CA PRO A 38 39.26 -10.52 5.09
CA GLY A 39 35.51 -10.63 4.84
CA TYR A 40 34.90 -8.30 7.74
CA ARG A 41 34.29 -4.61 7.60
CA SER A 42 35.86 -2.27 10.08
CA LEU A 43 33.29 0.11 11.38
CA GLY A 44 34.65 2.49 13.93
CA ASN A 45 37.96 3.96 14.89
CA VAL A 46 40.25 2.28 12.45
CA ILE A 47 43.05 3.84 14.42
CA MET A 48 43.82 3.79 18.13
CA VAL A 49 46.28 6.13 19.75
CA CYS A 50 48.08 5.71 22.98
CA ARG A 51 48.16 8.23 25.74
CA LYS A 52 49.54 8.03 29.24
CA GLY A 53 50.82 4.55 28.59
CA GLU A 54 47.35 3.41 27.81
CA TRP A 55 45.48 3.05 24.60
CA VAL A 56 43.28 6.04 24.57
CA ALA A 57 39.78 5.95 25.88
CA LEU A 58 39.42 8.27 22.98
CA ASN A 59 39.69 6.28 19.84
CA PRO A 60 38.22 3.46 21.78
CA LEU A 61 39.19 0.27 20.05
CA ARG A 62 36.60 -0.36 17.39
CA LYS A 63 35.23 -3.76 16.55
CA CYS A 64 34.66 -5.53 13.30
CA GLN A 65 31.85 -7.08 15.63
CA LYS A 66 28.24 -5.77 16.40
CA ARG A 67 24.84 -4.08 15.10
CA PRO A 68 23.53 -1.02 17.45
CA CYS A 69 20.16 0.98 17.43
CA GLY A 70 19.57 4.08 15.40
CA HIS A 71 17.67 7.10 16.55
CA PRO A 72 14.24 6.18 17.57
CA GLY A 73 11.30 7.59 15.71
CA ASP A 74 9.53 10.68 16.89
CA THR A 75 6.07 10.06 18.18
CA PRO A 76 4.16 13.28 18.10
CA PHE A 77 3.12 13.85 21.69
CA GLY A 78 5.85 12.02 23.49
CA THR A 79 9.48 12.41 24.38
CA PHE A 80 12.11 9.78 24.64
CA THR A 81 14.22 9.58 27.76
CA LEU A 82 17.75 8.48 28.47
CA THR A 83 17.57 7.90 24.80
CA GLY A 84 17.16 10.20 21.91
CA GLY A 85 20.77 9.55 21.17
CA ASN A 86 21.88 9.04 17.63
CA VAL A 87 22.69 5.42 18.30
CA PHE A 88 22.25 3.06 21.21
CA GLU A 89 24.39 0.26 22.46
CA TYR A 90 22.68 -3.08 22.49
CA GLY A 91 20.90 -3.54 25.76
CA VAL A 92 20.42 0.16 26.35
CA LYS A 93 16.98 1.11 27.53
CA ALA A 94 14.84 3.95 26.22
CA VAL A 95 11.41 4.94 27.26
CA TYR A 96 8.65 6.78 25.49
CA THR A 97 6.38 8.97 27.58
CA CYS A 98 3.56 11.21 26.55
CA ASN A 99 4.20 14.88 27.06
CA GLU A 100 2.50 16.53 29.98
CA GLY A 101 -1.12 17.05 29.11
CA TYR A 102 -1.28 14.01 26.88
CA GLN A 103 -2.44 10.48 27.45
CA LEU A 104 -1.56 7.19 25.81
CA LEU A 105 -3.77 4.12 25.87
CA GLY A 106 -1.01 1.64 26.56
CA GLU A 107 0.79 4.03 28.92
CA ILE A 108 4.57 4.42 28.89
CA ASN A 109 6.41 2.06 26.58
CA TYR A 110 9.93 0.82 27.16
CA ARG A 111 12.19 -0.69 24.56
CA GLU A 112 15.52 -2.39 24.88
CA CYS A 113 18.00 -1.94 22.10
CA ASP A 114 18.43 -5.21 20.35
CA THR A 115 21.28 -6.00 18.06
CA ASP A 116 19.54 -3.90 15.49
CA GLY A 117 16.10 -2.54 14.81
CA TRP A 118 13.55 -1.16 17.21
CA THR A 119 10.23 -2.91 17.62
CA ASN A 120 7.00 -1.42 16.30
CA ASP A 121 5.71 1.37 18.49
CA ILE A 122 2.19 0.87 19.82
CA PRO A 123 1.84 4.10 21.71
CA ILE A 124 -0.36 6.89 20.47
CA CYS A 125 -0.71 9.94 22.63
CA GLU A 126 -4.10 10.71 20.37
CA VAL A 127 -7.83 9.73 21.07
CA VAL A 128 -9.61 8.96 17.78
CA LYS A 129 -13.15 7.42 18.22
CA CYS A 130 -16.09 7.65 16.30
CA LEU A 131 -16.28 4.33 14.54
CA PRO A 132 -14.69 4.15 11.19
CA VAL A 133 -16.80 5.99 8.67
CA THR A 134 -18.72 3.92 6.20
CA ALA A 135 -17.94 4.66 2.59
CA PRO A 136 -20.51 5.72 0.11
CA GLU A 137 -21.34 3.20 -2.59
CA ASN A 138 -19.49 4.78 -5.41
CA GLY A 139 -16.85 6.59 -3.52
CA LYS A 140 -13.26 6.51 -2.48
CA ILE A 141 -12.06 6.81 1.10
CA VAL A 142 -9.60 9.51 0.16
CA SER A 143 -8.02 11.04 3.25
CA SER A 144 -8.63 8.94 6.32
CA ALA A 145 -6.43 7.80 9.18
CA MET A 146 -7.34 6.31 12.53
CA GLU A 147 -6.07 8.43 15.39
CA PRO A 148 -7.25 6.04 18.00
CA ASP A 149 -6.44 2.45 17.30
CA ARG A 150 -9.58 1.56 15.48
CA GLU A 151 -11.46 4.75 15.85
CA TYR A 152 -11.29 8.43 15.13
CA HIS A 153 -10.79 11.15 17.66
CA PHE A 154 -13.13 14.05 18.13
CA GLY A 155 -12.85 16.63 15.41
CA GLN A 156 -11.02 14.40 13.05
CA ALA A 157 -12.18 14.47 9.49
CA VAL A 158 -12.46 12.21 6.51
CA ARG A 159 -12.62 13.32 2.89
CA PHE A 160 -14.52 11.46 0.24
CA VAL A 161 -14.07 11.57 -3.48
CA CYS A 162 -16.40 10.04 -6.01
CA ASN A 163 -15.35 7.62 -8.69
CA SER A 164 -14.57 9.37 -11.92
CA GLY A 165 -17.65 9.65 -14.03
CA TYR A 166 -19.69 9.94 -10.85
CA LYS A 167 -21.06 13.13 -9.35
CA ILE A 168 -21.13 13.87 -5.63
CA GLU A 169 -24.09 15.26 -3.84
CA GLY A 170 -23.64 16.52 -0.31
CA ASP A 171 -20.55 17.73 1.49
CA GLU A 172 -17.34 15.87 0.70
CA GLU A 173 -15.95 16.07 4.21
CA MET A 174 -17.19 14.64 7.48
CA HIS A 175 -16.26 15.41 11.07
CA CYS A 176 -16.29 13.14 14.08
CA SER A 177 -18.91 14.54 16.42
CA ASP A 178 -18.86 14.58 20.19
CA ASP A 179 -21.86 12.32 20.19
CA GLY A 180 -19.66 9.78 18.53
CA PHE A 181 -21.40 9.92 15.20
CA TRP A 182 -19.96 11.22 11.97
CA SER A 183 -21.62 14.10 10.23
CA LYS A 184 -23.88 13.30 7.31
CA GLU A 185 -22.23 11.46 4.49
CA LYS A 186 -22.30 12.60 0.95
CA PRO A 187 -25.69 11.35 0.16
CA LYS A 188 -24.15 9.66 -2.75
CA CYS A 189 -21.94 9.46 -5.72
CA VAL A 190 -20.60 6.75 -7.71
CA GLU A 191 -18.75 3.85 -5.56
CA ILE A 192 -19.29 0.29 -6.98
CA SER A 193 -15.92 -1.21 -8.22
CA CYS A 194 -14.21 -4.74 -9.60
CA LYS A 195 -12.29 -7.92 -9.03
CA SER A 196 -10.09 -9.70 -11.47
CA PRO A 197 -11.83 -9.57 -14.73
CA ASP A 198 -12.93 -12.96 -15.89
CA VAL A 199 -11.74 -14.75 -18.95
CA ILE A 200 -13.20 -13.78 -22.28
CA ASN A 201 -14.45 -16.00 -25.02
CA GLY A 202 -11.54 -17.62 -26.78
CA SER A 203 -9.49 -14.69 -25.73
CA PRO A 204 -6.71 -13.69 -23.47
CA ILE A 205 -5.99 -10.58 -21.44
CA SER A 206 -2.82 -8.81 -22.44
CA GLN A 207 -2.52 -6.73 -19.36
CA LYS A 208 -3.14 -8.03 -15.91
CA ILE A 209 -3.17 -5.29 -13.33
CA ILE A 210 -4.98 -4.45 -10.13
CA TYR A 211 -8.49 -3.35 -10.86
CA LYS A 212 -10.63 -0.84 -9.12
CA GLU A 213 -13.40 1.22 -10.60
CA ASN A 214 -13.22 3.15 -13.85
CA GLU A 215 -10.80 0.98 -15.74
CA ARG A 216 -10.67 -0.55 -19.19
CA PHE A 217 -9.22 -3.87 -20.13
CA GLN A 218 -7.96 -5.42 -23.28
CA TYR A 219 -10.02 -8.39 -24.23
CA LYS A 220 -8.08 -9.69 -27.19
CA CYS A 221 -8.84 -12.84 -29.14
CA ASN A 222 -6.27 -15.41 -30.03
CA MET A 223 -5.32 -17.14 -33.23
CA GLY A 224 -7.91 -19.39 -34.80
CA TYR A 225 -10.76 -17.08 -33.92
CA GLU A 226 -12.27 -14.40 -36.07
CA TYR A 227 -12.36 -11.10 -34.27
CA SER A 228 -15.45 -8.99 -34.68
CA GLU A 229 -16.16 -5.85 -32.72
CA ARG A 230 -13.75 -4.05 -30.46
CA GLY A 231 -11.71 -6.04 -28.05
CA ASP A 232 -11.79 -4.27 -24.77
CA ALA A 233 -14.10 -4.35 -21.79
CA VAL A 234 -14.76 -1.87 -19.03
CA CYS A 235 -15.41 -2.22 -15.31
CA THR A 236 -18.90 -1.56 -14.11
CA GLU A 237 -17.97 -1.88 -10.46
CA SER A 238 -18.85 -5.55 -10.44
CA GLY A 239 -19.63 -6.93 -13.81
CA TRP A 240 -17.70 -6.05 -16.92
CA ARG A 241 -18.81 -4.24 -20.04
CA PRO A 242 -18.96 -5.71 -23.52
CA LEU A 243 -17.21 -8.87 -24.49
CA PRO A 244 -16.06 -9.29 -28.00
CA SER A 245 -17.37 -11.61 -30.63
CA CYS A 246 -14.64 -14.12 -30.97
CA GLU A 247 -17.16 -16.76 -32.37
CA GLU A 248 -18.88 -17.65 -35.81
CA LYS A 249 -22.83 -18.42 -35.91
CA SER A 250 -24.91 -21.65 -36.61
CA CYS A 251 -27.82 -20.59 -39.08
CA ASP A 252 -30.54 -18.11 -39.33
CA ASN A 253 -34.07 -19.36 -39.51
CA PRO A 254 -35.24 -18.59 -43.02
CA TYR A 255 -38.63 -17.21 -43.61
CA ILE A 256 -40.44 -18.46 -46.49
CA PRO A 257 -43.92 -17.17 -46.62
CA ASN A 258 -45.32 -19.40 -48.98
CA GLY A 259 -42.49 -21.68 -50.14
CA ASP A 260 -41.43 -25.15 -49.10
CA TYR A 261 -37.87 -26.35 -48.49
CA SER A 262 -36.00 -29.55 -47.61
CA PRO A 263 -34.79 -31.00 -45.44
CA LEU A 264 -36.94 -29.68 -42.61
CA ARG A 265 -35.40 -29.21 -39.24
CA ILE A 266 -35.85 -27.29 -36.16
CA LYS A 267 -32.54 -26.08 -35.27
CA HIS A 268 -30.05 -25.38 -37.99
CA ARG A 269 -26.29 -25.65 -37.88
CA THR A 270 -23.59 -23.97 -39.96
CA GLY A 271 -23.22 -25.15 -43.57
CA ASP A 272 -26.67 -26.48 -44.49
CA GLU A 273 -27.97 -25.87 -47.99
CA ILE A 274 -31.67 -26.51 -48.65
CA THR A 275 -33.72 -26.55 -51.81
CA TYR A 276 -36.72 -24.24 -51.70
CA GLN A 277 -39.54 -24.35 -54.19
CA CYS A 278 -42.64 -22.22 -54.55
CA ARG A 279 -45.02 -24.59 -55.95
CA ASN A 280 -48.23 -23.78 -54.58
CA GLY A 281 -47.60 -20.15 -53.95
CA PHE A 282 -45.93 -18.13 -56.67
CA TYR A 283 -42.87 -18.65 -58.85
CA PRO A 284 -39.38 -18.78 -57.17
CA ALA A 285 -37.42 -15.53 -56.85
CA THR A 286 -33.98 -16.59 -57.93
CA ARG A 287 -32.79 -18.49 -60.94
CA GLY A 288 -31.90 -21.45 -58.79
CA ASN A 289 -33.95 -22.94 -56.02
CA THR A 290 -31.78 -22.99 -52.88
CA ALA A 291 -30.25 -21.24 -49.89
CA LYS A 292 -27.23 -22.25 -47.79
CA CYS A 293 -27.12 -21.99 -44.07
CA THR A 294 -24.17 -19.98 -42.85
CA SER A 295 -24.17 -18.54 -39.31
CA THR A 296 -26.48 -15.52 -39.57
CA GLY A 297 -28.72 -16.23 -42.53
CA TRP A 298 -29.14 -18.12 -45.80
CA ILE A 299 -27.72 -17.82 -49.37
CA PRO A 300 -28.47 -17.47 -52.11
CA ALA A 301 -32.15 -17.06 -51.41
CA PRO A 302 -35.44 -18.73 -50.56
CA ARG A 303 -38.15 -16.40 -51.78
CA CYS A 304 -41.43 -17.13 -53.43
CA THR A 305 -40.20 -14.84 -56.36
CA LEU A 306 -39.39 -15.90 -60.15
CA HIS A 307 -42.30 -14.43 -62.31
CA HIS A 308 -39.76 -13.53 -65.11
CA HIS A 309 -40.73 -12.37 -68.75
CA HIS A 310 -40.61 -11.01 -72.45
CA HIS A 311 -42.76 -7.80 -73.70
CA HIS A 312 -41.68 -7.72 -77.50
CA GLU A 1 55.17 -43.12 9.86
CA PHE A 2 52.99 -45.48 12.07
CA GLU A 3 49.63 -43.42 12.92
CA ASP A 4 48.47 -43.46 16.65
CA CYS A 5 46.52 -41.27 18.21
CA ASN A 6 44.87 -39.03 15.67
CA GLU A 7 42.74 -36.10 16.58
CA LEU A 8 40.06 -37.37 18.91
CA PRO A 9 36.70 -38.45 17.68
CA PRO A 10 33.89 -36.02 17.32
CA ARG A 11 30.42 -36.46 18.76
CA ARG A 12 27.25 -34.75 17.59
CA ASN A 13 26.98 -31.13 18.73
CA THR A 14 29.76 -31.77 21.19
CA GLU A 15 33.49 -31.37 20.97
CA ILE A 16 36.70 -32.33 22.75
CA LEU A 17 37.98 -29.76 25.19
CA THR A 18 41.70 -30.03 24.79
CA GLY A 19 42.50 -26.64 23.40
CA SER A 20 41.15 -27.12 19.93
CA TRP A 21 43.69 -27.44 17.20
CA SER A 22 47.17 -27.68 18.62
CA ASP A 23 49.13 -30.84 18.09
CA GLN A 24 47.87 -33.18 15.36
CA THR A 25 48.65 -36.39 17.14
CA TYR A 26 48.76 -37.50 20.73
CA PRO A 27 50.63 -40.19 22.51
CA GLU A 28 49.26 -43.39 23.98
CA GLY A 29 47.98 -43.12 27.51
CA THR A 30 46.60 -39.69 26.80
CA GLN A 31 43.32 -38.97 28.48
CA ALA A 32 41.11 -36.22 27.16
CA ILE A 33 37.83 -34.87 28.42
CA TYR A 34 34.75 -34.01 26.38
CA LYS A 35 32.22 -31.24 26.77
CA CYS A 36 28.89 -30.31 25.24
CA ARG A 37 27.75 -26.90 24.12
CA PRO A 38 26.10 -24.87 26.79
CA GLY A 39 22.60 -26.14 27.22
CA TYR A 40 23.48 -29.77 26.71
CA ARG A 41 24.19 -32.32 29.37
CA SER A 42 26.97 -34.81 28.99
CA LEU A 43 25.74 -38.24 29.87
CA GLY A 44 28.36 -40.88 29.48
CA ASN A 45 32.11 -41.12 29.48
CA VAL A 46 33.08 -37.53 29.93
CA ILE A 47 36.60 -38.69 29.30
CA MET A 48 38.08 -40.76 26.49
CA VAL A 49 41.49 -42.34 26.66
CA CYS A 50 43.68 -43.42 23.84
CA ARG A 51 45.22 -46.81 23.51
CA LYS A 52 47.16 -48.38 20.69
CA GLY A 53 46.97 -45.19 18.70
CA GLU A 54 43.23 -45.34 18.81
CA TRP A 55 40.72 -43.78 21.10
CA VAL A 56 39.75 -46.59 23.33
CA ALA A 57 36.80 -48.78 22.62
CA LEU A 58 36.67 -48.56 26.34
CA ASN A 59 35.55 -45.13 27.27
CA PRO A 60 33.64 -45.13 24.07
CA LEU A 61 33.03 -41.56 23.10
CA ARG A 62 29.87 -40.47 24.86
CA LYS A 63 27.26 -38.28 23.30
CA CYS A 64 25.42 -35.26 24.54
CA GLN A 65 24.04 -32.61 22.22
CA LYS A 66 24.89 -31.52 18.52
CA ARG A 67 23.20 -28.61 16.68
CA PRO A 68 23.45 -27.53 12.93
CA CYS A 69 20.50 -25.15 12.44
CA GLY A 70 18.47 -22.53 14.20
CA HIS A 71 14.75 -22.12 13.94
CA PRO A 72 13.72 -21.64 10.43
CA GLY A 73 12.08 -18.43 9.38
CA ASP A 74 8.35 -18.09 9.27
CA THR A 75 6.94 -17.80 5.80
CA PRO A 76 3.53 -16.26 6.02
CA PHE A 77 1.24 -18.83 4.44
CA GLY A 78 3.18 -21.97 5.12
CA THR A 79 3.99 -24.30 7.96
CA PHE A 80 7.14 -26.21 8.58
CA THR A 81 6.95 -29.90 9.25
CA LEU A 82 9.03 -32.31 11.26
CA THR A 83 10.86 -29.14 11.89
CA GLY A 84 9.91 -25.99 13.63
CA GLY A 85 12.21 -27.07 16.37
CA ASN A 86 14.45 -24.57 18.02
CA VAL A 87 17.51 -26.21 16.54
CA PHE A 88 18.17 -28.99 14.09
CA GLU A 89 20.87 -31.58 13.96
CA TYR A 90 22.92 -31.46 10.81
CA GLY A 91 21.29 -33.62 8.19
CA VAL A 92 17.82 -33.22 9.60
CA LYS A 93 15.17 -32.54 7.03
CA ALA A 94 12.47 -29.90 7.21
CA VAL A 95 9.83 -29.09 4.70
CA TYR A 96 7.87 -25.97 4.00
CA THR A 97 4.34 -26.37 2.74
CA CYS A 98 1.72 -23.79 1.98
CA ASN A 99 -1.24 -23.83 4.29
CA GLU A 100 -4.44 -25.30 2.97
CA GLY A 101 -6.00 -22.83 0.60
CA TYR A 102 -2.70 -21.38 -0.49
CA GLN A 103 -0.47 -22.04 -3.45
CA LEU A 104 3.24 -21.62 -4.02
CA LEU A 105 4.85 -21.25 -7.42
CA GLY A 106 7.76 -23.57 -6.74
CA GLU A 107 5.60 -25.98 -4.72
CA ILE A 108 6.83 -27.56 -1.50
CA ASN A 109 10.44 -26.81 -0.61
CA TYR A 110 12.68 -29.13 1.36
CA ARG A 111 15.85 -28.14 3.11
CA GLU A 112 18.49 -30.24 4.79
CA CYS A 113 20.21 -28.83 7.81
CA ASP A 114 23.77 -28.10 6.92
CA THR A 115 26.48 -27.53 9.45
CA ASP A 116 25.02 -24.09 9.91
CA GLY A 117 22.76 -21.71 8.09
CA TRP A 118 19.64 -22.41 6.09
CA THR A 119 19.58 -21.63 2.41
CA ASN A 120 17.53 -18.75 1.01
CA ASP A 121 13.86 -19.56 0.82
CA ILE A 122 12.32 -19.25 -2.63
CA PRO A 123 8.76 -20.13 -1.75
CA ILE A 124 6.04 -17.53 -1.66
CA CYS A 125 2.54 -18.69 -0.95
CA GLU A 126 -0.68 -17.08 -2.63
CA VAL A 127 -2.84 -14.28 -1.06
CA VAL A 128 -6.58 -13.51 -1.69
CA LYS A 129 -6.48 -9.62 -2.33
CA CYS A 130 -9.57 -7.53 -2.11
CA LEU A 131 -12.49 -5.18 -2.29
CA PRO A 132 -12.33 -2.55 -4.90
CA VAL A 133 -9.84 0.09 -3.91
CA THR A 134 -11.17 3.42 -2.81
CA ALA A 135 -9.96 6.36 -4.82
CA PRO A 136 -8.17 9.26 -3.32
CA GLU A 137 -10.07 12.53 -3.27
CA ASN A 138 -8.31 14.23 -6.09
CA GLY A 139 -7.19 11.27 -8.04
CA LYS A 140 -7.93 9.17 -11.05
CA ILE A 141 -8.39 5.42 -10.99
CA VAL A 142 -5.92 4.95 -13.79
CA SER A 143 -5.15 1.28 -14.35
CA SER A 144 -7.63 -0.95 -12.58
CA ALA A 145 -9.53 -4.06 -13.59
CA MET A 146 -11.41 -6.58 -11.50
CA GLU A 147 -9.99 -10.06 -11.86
CA PRO A 148 -12.61 -11.62 -9.70
CA ASP A 149 -16.11 -10.50 -10.46
CA ARG A 150 -16.25 -7.63 -8.06
CA GLU A 151 -12.95 -8.01 -6.40
CA TYR A 152 -9.27 -8.14 -7.06
CA HIS A 153 -7.09 -11.20 -6.86
CA PHE A 154 -4.01 -11.46 -4.70
CA GLY A 155 -1.09 -9.56 -6.07
CA GLN A 156 -3.11 -7.51 -8.44
CA ALA A 157 -2.29 -3.85 -8.56
CA VAL A 158 -3.97 -0.56 -9.16
CA ARG A 159 -2.25 2.63 -10.31
CA PHE A 160 -3.38 6.07 -9.29
CA VAL A 161 -2.72 9.34 -10.99
CA CYS A 162 -3.47 12.73 -9.56
CA ASN A 163 -5.53 15.37 -11.27
CA SER A 164 -3.39 17.75 -13.23
CA GLY A 165 -2.35 20.63 -11.08
CA TYR A 166 -2.32 18.28 -8.10
CA LYS A 167 0.72 16.69 -6.53
CA ILE A 168 0.83 13.13 -5.27
CA GLU A 169 2.29 12.13 -1.97
CA GLY A 170 2.86 8.47 -1.28
CA ASP A 171 3.33 5.57 -3.65
CA GLU A 172 1.22 5.64 -6.80
CA GLU A 173 0.65 1.92 -6.93
CA MET A 174 -1.12 -0.42 -4.55
CA HIS A 175 -1.09 -4.21 -4.25
CA CYS A 176 -3.82 -6.52 -3.05
CA SER A 177 -2.48 -8.13 0.10
CA ASP A 178 -3.08 -11.64 1.34
CA ASP A 179 -4.89 -10.23 4.30
CA GLY A 180 -7.39 -8.89 1.86
CA PHE A 181 -6.47 -5.28 2.35
CA TRP A 182 -4.85 -3.01 -0.19
CA SER A 183 -1.52 -1.45 0.58
CA LYS A 184 -1.51 2.14 1.75
CA GLU A 185 -3.06 4.59 -0.63
CA LYS A 186 -1.34 7.65 -1.84
CA PRO A 187 -1.98 9.73 1.15
CA LYS A 188 -3.37 12.27 -1.15
CA CYS A 189 -3.35 14.36 -4.21
CA VAL A 190 -2.35 18.02 -3.80
CA GLU A 191 -1.18 18.52 -7.46
CA ILE A 192 -1.11 22.15 -9.32
CA SER A 193 1.53 24.80 -10.47
CA CYS A 194 1.63 28.63 -11.53
CA LYS A 195 2.10 31.69 -13.65
CA SER A 196 2.07 35.24 -12.52
CA PRO A 197 -0.66 35.54 -10.05
CA ASP A 198 -3.45 37.73 -11.28
CA VAL A 199 -4.56 40.97 -9.77
CA ILE A 200 -6.74 40.88 -6.72
CA ASN A 201 -9.85 42.85 -6.00
CA GLY A 202 -8.94 46.42 -5.23
CA SER A 203 -5.63 45.17 -4.09
CA PRO A 204 -2.01 45.13 -4.96
CA ILE A 205 0.73 42.53 -4.63
CA SER A 206 3.56 43.62 -2.42
CA GLN A 207 6.00 41.04 -3.60
CA LYS A 208 6.44 40.08 -7.18
CA ILE A 209 8.66 37.08 -7.60
CA ILE A 210 8.93 34.06 -9.86
CA TYR A 211 6.26 31.56 -9.02
CA LYS A 212 6.32 27.84 -9.17
CA GLU A 213 4.34 25.42 -7.08
CA ASN A 214 3.88 25.60 -3.33
CA GLU A 215 4.10 29.33 -2.85
CA ARG A 216 2.09 31.94 -1.00
CA PHE A 217 1.48 35.47 -2.05
CA GLN A 218 0.50 38.63 -0.33
CA TYR A 219 -2.80 39.89 -1.59
CA LYS A 220 -3.05 43.17 0.21
CA CYS A 221 -5.81 45.73 -0.21
CA ASN A 222 -5.19 49.39 -0.74
CA MET A 223 -6.53 52.51 0.89
CA GLY A 224 -10.20 53.21 0.50
CA TYR A 225 -11.16 49.58 0.84
CA GLU A 226 -12.18 47.78 3.98
CA TYR A 227 -10.11 44.69 4.50
CA SER A 228 -11.89 41.60 5.72
CA GLU A 229 -10.31 38.18 5.95
CA ARG A 230 -6.67 37.38 5.51
CA GLY A 231 -4.81 38.92 2.65
CA ASP A 232 -2.74 36.24 1.09
CA ALA A 233 -3.35 33.66 -1.60
CA VAL A 234 -1.67 30.39 -2.39
CA CYS A 235 -0.73 28.64 -5.63
CA THR A 236 -2.75 25.63 -6.61
CA GLU A 237 -0.56 24.83 -9.58
CA SER A 238 -2.79 26.81 -11.87
CA GLY A 239 -5.44 28.77 -10.11
CA TRP A 240 -4.85 30.62 -6.90
CA ARG A 241 -6.32 30.07 -3.47
CA PRO A 242 -8.54 32.49 -1.60
CA LEU A 243 -8.87 36.11 -2.51
CA PRO A 244 -9.64 38.58 0.17
CA SER A 245 -12.77 40.54 0.72
CA CYS A 246 -11.78 44.01 -0.19
CA GLU A 247 -14.41 46.67 0.91
CA GLU A 248 -15.30 48.07 4.49
CA LYS A 249 -17.89 47.74 7.57
CA SER A 250 -17.99 49.82 10.84
CA CYS A 251 -21.93 49.29 12.06
CA ASP A 252 -23.58 50.72 15.05
CA ASN A 253 -23.43 48.77 18.24
CA PRO A 254 -26.95 47.58 18.87
CA TYR A 255 -28.43 47.73 22.27
CA ILE A 256 -30.48 44.94 23.32
CA PRO A 257 -31.51 45.22 26.88
CA ASN A 258 -32.60 41.90 27.46
CA GLY A 259 -32.26 40.04 24.16
CA ASP A 260 -29.59 37.77 22.78
CA TYR A 261 -28.17 37.80 19.24
CA SER A 262 -25.69 35.86 17.09
CA PRO A 263 -23.00 35.89 16.08
CA LEU A 264 -21.35 37.84 18.88
CA ARG A 265 -18.53 40.13 18.06
CA ILE A 266 -16.81 43.09 19.35
CA LYS A 267 -16.35 45.27 16.48
CA HIS A 268 -18.85 45.19 13.68
CA ARG A 269 -18.30 45.83 10.00
CA THR A 270 -20.70 46.92 7.27
CA GLY A 271 -23.24 44.33 6.08
CA ASP A 272 -23.69 42.01 9.06
CA GLU A 273 -27.15 40.64 9.78
CA ILE A 274 -27.70 38.96 13.16
CA THR A 275 -30.61 37.02 14.58
CA TYR A 276 -31.89 38.40 17.86
CA GLN A 277 -34.24 36.54 20.15
CA CYS A 278 -35.85 37.52 23.43
CA ARG A 279 -36.12 34.30 25.12
CA ASN A 280 -35.59 34.92 28.61
CA GLY A 281 -36.75 38.47 28.67
CA PHE A 282 -39.96 39.34 26.86
CA TYR A 283 -41.34 38.57 23.42
CA PRO A 284 -39.52 40.00 20.32
CA ALA A 285 -40.65 43.38 18.97
CA THR A 286 -40.80 42.73 15.27
CA ARG A 287 -42.40 39.98 13.28
CA GLY A 288 -39.02 38.62 12.35
CA ASN A 289 -36.05 38.16 14.61
CA THR A 290 -33.11 40.03 13.06
CA ALA A 291 -31.22 43.24 12.37
CA LYS A 292 -28.65 44.00 9.67
CA CYS A 293 -25.53 45.96 10.27
CA THR A 294 -25.21 48.90 7.92
CA SER A 295 -22.83 51.77 8.79
CA THR A 296 -24.70 53.74 11.45
CA GLY A 297 -27.13 51.28 12.99
CA TRP A 298 -29.08 48.06 12.52
CA ILE A 299 -32.22 46.98 10.54
CA PRO A 300 -34.84 45.87 10.83
CA ALA A 301 -34.74 45.72 14.60
CA PRO A 302 -33.46 43.95 17.69
CA ARG A 303 -35.88 44.79 20.45
CA CYS A 304 -37.24 42.68 23.24
CA THR A 305 -38.28 46.02 25.15
CA LEU A 306 -37.25 49.32 23.51
CA HIS A 307 -36.15 52.98 23.23
CA HIS A 308 -38.52 55.75 22.25
CA HIS A 309 -38.81 59.05 20.24
CA HIS A 310 -40.81 61.96 18.33
CA HIS A 311 -38.96 65.45 17.74
CA HIS A 312 -41.78 68.03 18.80
CA GLU A 1 -10.62 -45.81 -82.73
CA PHE A 2 -11.42 -44.00 -79.28
CA GLU A 3 -15.11 -42.80 -79.58
CA ASP A 4 -16.86 -41.58 -76.26
CA CYS A 5 -18.75 -38.32 -75.91
CA ASN A 6 -19.34 -34.62 -76.37
CA GLU A 7 -17.80 -32.00 -74.22
CA LEU A 8 -18.65 -32.87 -70.65
CA PRO A 9 -21.64 -31.45 -68.91
CA PRO A 10 -21.45 -28.20 -67.07
CA ARG A 11 -22.57 -27.64 -63.50
CA ARG A 12 -23.48 -24.34 -61.91
CA ASN A 13 -20.49 -22.21 -61.02
CA THR A 14 -18.29 -25.23 -61.47
CA GLU A 15 -16.40 -26.57 -64.45
CA ILE A 16 -14.61 -29.67 -65.67
CA LEU A 17 -10.88 -29.69 -65.07
CA THR A 18 -9.56 -31.41 -68.13
CA GLY A 19 -7.59 -28.63 -69.71
CA SER A 20 -10.44 -26.55 -70.96
CA TRP A 21 -10.99 -26.56 -74.66
CA SER A 22 -8.77 -29.08 -76.35
CA ASP A 23 -10.35 -31.98 -78.12
CA GLN A 24 -14.05 -31.67 -78.93
CA THR A 25 -14.95 -35.25 -78.30
CA TYR A 26 -13.71 -37.96 -76.00
CA PRO A 27 -13.73 -41.69 -76.20
CA GLU A 28 -15.79 -44.11 -74.15
CA GLY A 29 -14.26 -45.13 -70.87
CA THR A 30 -12.90 -41.65 -70.35
CA GLN A 31 -13.01 -40.48 -66.78
CA ALA A 32 -12.83 -36.80 -66.03
CA ILE A 33 -12.74 -34.95 -62.76
CA TYR A 34 -14.68 -31.84 -61.78
CA LYS A 35 -13.72 -28.88 -59.67
CA CYS A 36 -15.45 -25.86 -58.18
CA ARG A 37 -14.22 -22.31 -58.11
CA PRO A 38 -12.11 -21.46 -55.15
CA GLY A 39 -14.39 -20.96 -52.20
CA TYR A 40 -16.79 -23.72 -53.14
CA ARG A 41 -16.77 -27.26 -51.90
CA SER A 42 -17.42 -30.15 -54.20
CA LEU A 43 -19.88 -32.48 -52.64
CA GLY A 44 -20.72 -35.40 -54.83
CA ASN A 45 -19.16 -37.32 -57.66
CA VAL A 46 -15.96 -35.43 -58.15
CA ILE A 47 -15.48 -37.58 -61.19
CA MET A 48 -17.78 -38.30 -64.12
CA VAL A 49 -17.19 -41.11 -66.55
CA CYS A 50 -18.48 -41.44 -70.03
CA ARG A 51 -20.30 -44.44 -71.37
CA LYS A 52 -22.04 -45.01 -74.65
CA GLY A 53 -21.00 -41.60 -75.87
CA GLU A 54 -22.78 -40.02 -72.97
CA TRP A 55 -21.60 -38.91 -69.61
CA VAL A 56 -22.78 -41.63 -67.36
CA ALA A 57 -26.07 -41.46 -65.58
CA LEU A 58 -23.94 -43.17 -63.04
CA ASN A 59 -21.56 -40.66 -61.63
CA PRO A 60 -24.21 -38.12 -62.29
CA LEU A 61 -22.52 -34.77 -62.53
CA ARG A 62 -22.28 -33.43 -59.01
CA LYS A 63 -22.81 -29.83 -58.11
CA CYS A 64 -20.89 -27.44 -55.95
CA GLN A 65 -23.51 -26.66 -53.18
CA LYS A 66 -23.56 -25.59 -49.27
CA ARG A 67 -24.06 -28.57 -46.75
CA PRO A 68 -25.38 -28.21 -43.00
CA CYS A 69 -23.96 -30.01 -39.75
CA GLY A 70 -23.23 -33.59 -38.88
CA HIS A 71 -23.04 -35.00 -35.42
CA PRO A 72 -20.51 -33.20 -33.42
CA GLY A 73 -17.51 -35.05 -32.10
CA ASP A 74 -17.46 -36.51 -28.66
CA THR A 75 -15.13 -34.78 -26.29
CA PRO A 76 -14.35 -37.09 -23.45
CA PHE A 77 -15.48 -35.23 -20.37
CA GLY A 78 -18.18 -33.07 -21.84
CA THR A 79 -21.71 -33.31 -23.10
CA PHE A 80 -23.32 -31.44 -25.90
CA THR A 81 -26.59 -29.68 -25.29
CA LEU A 82 -29.57 -28.85 -27.45
CA THR A 83 -27.40 -30.61 -29.91
CA GLY A 84 -26.17 -34.11 -30.14
CA GLY A 85 -28.58 -34.54 -32.96
CA ASN A 86 -27.55 -36.43 -36.02
CA VAL A 87 -27.61 -33.30 -38.10
CA PHE A 88 -28.13 -29.62 -37.44
CA GLU A 89 -29.82 -26.96 -39.45
CA TYR A 90 -27.57 -24.10 -40.38
CA GLY A 91 -27.67 -21.51 -37.64
CA VAL A 92 -28.53 -23.98 -34.94
CA LYS A 93 -26.57 -23.55 -31.76
CA ALA A 94 -24.86 -26.29 -29.76
CA VAL A 95 -22.84 -25.97 -26.65
CA TYR A 96 -20.16 -28.13 -25.14
CA THR A 97 -19.92 -28.26 -21.38
CA CYS A 98 -17.66 -30.26 -19.16
CA ASN A 99 -19.40 -32.91 -17.13
CA GLU A 100 -19.92 -32.22 -13.48
CA GLY A 101 -16.64 -32.65 -11.70
CA TYR A 102 -14.58 -31.61 -14.67
CA GLN A 103 -13.02 -28.34 -15.68
CA LEU A 104 -12.05 -26.87 -19.03
CA LEU A 105 -9.48 -24.15 -19.50
CA GLY A 106 -11.46 -22.15 -22.02
CA GLU A 107 -14.75 -22.82 -20.24
CA ILE A 108 -17.94 -23.66 -22.14
CA ASN A 109 -17.66 -23.45 -25.91
CA TYR A 110 -20.52 -22.60 -28.22
CA ARG A 111 -20.65 -23.30 -31.92
CA GLU A 112 -23.11 -22.23 -34.53
CA CYS A 113 -23.84 -24.60 -37.35
CA ASP A 114 -22.44 -23.15 -40.51
CA THR A 115 -23.41 -24.32 -43.94
CA ASP A 116 -21.19 -27.28 -43.33
CA GLY A 117 -18.38 -28.29 -41.06
CA TRP A 118 -17.88 -27.58 -37.40
CA THR A 119 -14.92 -25.51 -36.29
CA ASN A 120 -11.99 -27.06 -34.45
CA ASP A 121 -12.77 -27.73 -30.83
CA ILE A 122 -10.43 -26.06 -28.34
CA PRO A 123 -11.94 -27.41 -25.16
CA ILE A 124 -10.21 -30.05 -23.11
CA CYS A 125 -11.83 -31.08 -19.88
CA GLU A 126 -8.72 -31.65 -18.00
CA VAL A 127 -6.04 -29.75 -16.08
CA VAL A 128 -2.42 -29.04 -17.44
CA LYS A 129 0.34 -31.47 -16.56
CA CYS A 130 3.50 -30.52 -14.46
CA LEU A 131 7.02 -30.80 -13.20
CA PRO A 132 7.42 -31.57 -9.60
CA VAL A 133 6.56 -28.53 -7.53
CA THR A 134 9.39 -26.70 -5.90
CA ALA A 135 9.14 -26.40 -2.16
CA PRO A 136 9.13 -23.15 -0.36
CA GLU A 137 12.20 -22.39 1.72
CA ASN A 138 10.77 -23.08 5.10
CA GLY A 139 8.11 -25.51 4.20
CA LYS A 140 7.21 -29.15 4.15
CA ILE A 141 6.04 -31.02 1.08
CA VAL A 142 3.07 -32.41 2.92
CA SER A 143 0.71 -34.22 0.56
CA SER A 144 2.33 -34.89 -2.78
CA ALA A 145 2.45 -37.91 -5.06
CA MET A 146 3.49 -38.21 -8.67
CA GLU A 147 0.68 -39.51 -10.84
CA PRO A 148 2.78 -39.62 -13.93
CA ASP A 149 6.17 -41.16 -13.44
CA ARG A 150 8.04 -38.02 -12.63
CA GLU A 151 5.32 -35.52 -13.13
CA TYR A 152 1.90 -34.56 -11.98
CA HIS A 153 -1.27 -34.91 -13.97
CA PHE A 154 -3.63 -32.07 -14.71
CA GLY A 155 -5.69 -31.05 -11.75
CA GLN A 156 -3.54 -32.79 -9.25
CA ALA A 157 -2.74 -30.86 -6.14
CA VAL A 158 0.00 -30.50 -3.61
CA ARG A 159 -0.39 -29.23 -0.07
CA PHE A 160 2.27 -27.31 1.76
CA VAL A 161 2.72 -26.86 5.46
CA CYS A 162 5.13 -24.48 7.09
CA ASN A 163 7.69 -25.47 9.66
CA SER A 164 6.39 -25.01 13.15
CA GLY A 165 7.17 -21.57 14.39
CA TYR A 166 6.80 -20.30 10.83
CA LYS A 167 3.78 -18.55 9.39
CA ILE A 168 2.44 -19.14 5.90
CA GLU A 169 1.45 -16.41 3.54
CA GLY A 170 -0.47 -17.33 0.43
CA ASP A 171 -2.62 -20.34 -0.35
CA GLU A 172 -1.41 -23.64 1.06
CA GLU A 173 -2.52 -25.70 -1.92
CA MET A 174 -1.44 -25.65 -5.52
CA HIS A 175 -3.02 -27.15 -8.63
CA CYS A 176 -1.34 -28.40 -11.78
CA SER A 177 -2.51 -26.13 -14.56
CA ASP A 178 -3.23 -27.03 -18.15
CA ASP A 179 -0.39 -24.80 -19.21
CA GLY A 180 1.85 -27.13 -17.31
CA PHE A 181 2.68 -24.71 -14.58
CA TRP A 182 1.68 -24.97 -10.95
CA SER A 183 -0.43 -22.27 -9.41
CA LYS A 184 1.34 -19.68 -7.30
CA GLU A 185 3.24 -21.08 -4.36
CA LYS A 186 2.77 -19.89 -0.87
CA PRO A 187 4.86 -16.85 -1.14
CA LYS A 188 6.66 -18.06 1.85
CA CYS A 189 6.87 -19.49 5.26
CA VAL A 190 8.41 -16.05 6.39
CA GLU A 191 6.91 -14.97 9.94
CA ILE A 192 7.15 -11.68 12.07
CA SER A 193 8.11 -11.69 15.85
CA CYS A 194 7.09 -8.11 17.05
CA LYS A 195 5.29 -6.22 19.76
CA SER A 196 2.36 -3.93 19.34
CA PRO A 197 3.00 -1.94 16.29
CA ASP A 198 3.52 1.69 17.04
CA VAL A 199 1.35 4.52 15.91
CA ILE A 200 1.75 5.79 12.40
CA ASN A 201 1.97 9.33 11.21
CA GLY A 202 -1.41 10.97 11.40
CA SER A 203 -2.90 7.56 11.05
CA PRO A 204 -4.78 4.96 12.90
CA ILE A 205 -4.68 1.17 12.90
CA SER A 206 -7.92 -0.43 11.84
CA GLN A 207 -7.14 -3.83 13.17
CA LYS A 208 -5.54 -4.45 16.49
CA ILE A 209 -4.58 -8.05 16.96
CA ILE A 210 -1.83 -10.05 18.60
CA TYR A 211 1.32 -9.81 16.58
CA LYS A 212 4.03 -12.34 16.04
CA GLU A 213 6.28 -12.66 13.07
CA ASN A 214 5.20 -12.57 9.45
CA GLU A 215 2.21 -10.30 9.75
CA ARG A 216 0.93 -7.25 7.91
CA PHE A 217 -0.89 -4.34 9.38
CA GLN A 218 -3.15 -1.68 8.07
CA TYR A 219 -1.63 1.72 8.53
CA LYS A 220 -4.44 3.92 7.38
CA CYS A 221 -4.48 7.70 7.45
CA ASN A 222 -7.32 9.74 8.80
CA MET A 223 -9.30 12.64 7.47
CA GLY A 224 -7.44 15.87 6.90
CA TYR A 225 -4.35 14.13 5.64
CA GLU A 226 -3.46 13.38 2.06
CA TYR A 227 -2.65 9.74 1.59
CA SER A 228 0.26 8.89 -0.64
CA GLU A 229 1.69 5.42 -1.04
CA ARG A 230 0.19 2.23 0.28
CA GLY A 231 -1.10 2.15 3.79
CA ASP A 232 0.09 -1.01 5.36
CA ALA A 233 3.20 -2.02 7.22
CA VAL A 234 4.81 -5.38 7.85
CA CYS A 235 6.57 -6.92 10.84
CA THR A 236 10.29 -7.33 10.61
CA GLU A 237 10.52 -9.21 13.90
CA SER A 238 11.19 -6.01 15.77
CA GLY A 239 10.81 -2.92 13.72
CA TRP A 240 8.06 -2.43 11.21
CA ARG A 241 8.22 -2.04 7.46
CA PRO A 242 7.21 1.05 5.51
CA LEU A 243 5.10 3.78 6.95
CA PRO A 244 2.89 5.74 4.66
CA SER A 245 3.22 9.31 3.61
CA CYS A 246 0.39 10.97 5.38
CA GLU A 247 2.08 13.86 7.66
CA GLU A 248 1.72 17.24 5.78
CA LYS A 249 1.35 20.80 7.65
CA SER A 250 1.43 23.25 4.54
CA CYS A 251 2.40 27.23 5.11
CA ASP A 252 1.37 30.74 4.55
CA ASN A 253 3.30 32.77 2.08
CA PRO A 254 5.17 35.35 4.10
CA TYR A 255 5.35 38.87 2.97
CA ILE A 256 8.50 40.60 3.42
CA PRO A 257 8.48 43.99 1.87
CA ASN A 258 11.95 44.67 1.85
CA GLY A 259 13.67 41.71 3.52
CA ASP A 260 15.36 38.63 2.17
CA TYR A 261 15.00 35.07 3.45
CA SER A 262 16.39 31.58 2.78
CA PRO A 263 15.83 29.09 1.46
CA LEU A 264 13.65 30.40 -1.34
CA ARG A 265 10.85 28.28 -2.60
CA ILE A 266 7.63 28.55 -4.31
CA LYS A 267 5.37 26.40 -2.47
CA HIS A 268 5.87 25.89 1.21
CA ARG A 269 5.08 22.87 3.33
CA THR A 270 4.42 22.51 7.05
CA GLY A 271 7.42 22.90 9.37
CA ASP A 272 9.84 25.10 7.43
CA GLU A 273 11.86 27.69 9.31
CA ILE A 274 13.67 30.36 7.28
CA THR A 275 16.15 33.03 8.23
CA TYR A 276 15.09 36.51 7.19
CA GLN A 277 17.42 39.49 7.19
CA CYS A 278 16.81 43.12 6.32
CA ARG A 279 20.05 44.12 4.98
CA ASN A 280 19.39 46.49 2.38
CA GLY A 281 16.13 47.78 3.66
CA PHE A 282 15.87 48.61 7.34
CA TYR A 283 16.83 46.81 10.53
CA PRO A 284 15.02 43.50 11.42
CA ALA A 285 11.91 43.69 13.60
CA THR A 286 12.51 40.92 16.06
CA ARG A 287 15.48 40.07 18.19
CA GLY A 288 16.15 37.00 16.14
CA ASN A 289 16.08 36.72 12.38
CA THR A 290 13.65 33.91 11.48
CA ALA A 291 10.14 32.64 10.97
CA LYS A 292 8.84 29.05 10.96
CA CYS A 293 6.33 27.75 8.52
CA THR A 294 3.35 26.19 10.20
CA SER A 295 0.09 25.69 8.25
CA THR A 296 -1.44 29.19 8.16
CA GLY A 297 1.47 31.56 8.60
CA TRP A 298 4.99 32.03 9.94
CA ILE A 299 6.61 32.42 13.41
CA PRO A 300 8.22 34.17 15.01
CA ALA A 301 8.41 36.91 12.43
CA PRO A 302 9.95 38.16 9.21
CA ARG A 303 9.63 41.92 9.28
CA CYS A 304 12.01 44.59 8.17
CA THR A 305 12.22 48.36 9.28
CA LEU A 306 8.73 50.02 9.43
CA HIS A 307 9.01 54.01 9.70
CA HIS A 308 6.63 56.70 11.26
CA HIS A 309 6.82 60.62 11.51
CA HIS A 310 6.97 63.36 8.83
CA HIS A 311 6.61 67.32 9.37
CA HIS A 312 7.10 70.16 6.43
CA GLU A 1 -0.56 55.64 2.48
CA PHE A 2 -3.27 58.37 3.40
CA GLU A 3 -6.97 57.08 4.00
CA ASP A 4 -8.97 55.91 7.26
CA CYS A 5 -11.25 54.39 8.39
CA ASN A 6 -12.93 51.51 6.63
CA GLU A 7 -14.85 48.84 8.40
CA LEU A 8 -12.60 47.41 11.06
CA PRO A 9 -10.46 44.40 10.46
CA PRO A 10 -11.79 40.95 11.07
CA ARG A 11 -10.08 38.31 13.17
CA ARG A 12 -10.63 34.58 12.99
CA ASN A 13 -13.85 33.44 14.65
CA THR A 14 -14.08 36.80 16.33
CA GLU A 15 -15.78 40.02 15.34
CA ILE A 16 -15.90 43.71 16.21
CA LEU A 17 -18.61 44.66 18.66
CA THR A 18 -19.69 48.03 17.40
CA GLY A 19 -23.22 47.31 16.37
CA SER A 20 -22.50 45.34 13.26
CA TRP A 21 -23.25 47.05 10.01
CA SER A 22 -24.15 50.66 10.58
CA ASP A 23 -21.92 53.33 9.18
CA GLN A 24 -19.45 52.26 6.50
CA THR A 25 -16.62 54.47 7.58
CA TYR A 26 -15.42 55.84 10.87
CA PRO A 27 -13.47 58.88 11.79
CA GLU A 28 -9.90 59.06 13.06
CA GLY A 29 -9.51 58.71 16.79
CA THR A 30 -12.27 56.14 16.90
CA GLN A 31 -11.69 53.36 19.34
CA ALA A 32 -13.56 50.12 18.94
CA ILE A 33 -13.60 47.02 21.07
CA TYR A 34 -13.44 43.40 19.91
CA LYS A 35 -15.12 40.30 21.23
CA CYS A 36 -14.91 36.58 20.64
CA ARG A 37 -17.77 34.14 20.29
CA PRO A 38 -18.94 32.66 23.52
CA GLY A 39 -16.49 30.00 24.53
CA TYR A 40 -13.44 31.85 23.33
CA ARG A 41 -11.16 34.01 25.37
CA SER A 42 -9.82 37.26 24.04
CA LEU A 43 -6.14 37.48 24.67
CA GLY A 44 -4.60 40.62 23.34
CA ASN A 45 -5.69 44.11 22.48
CA VAL A 46 -9.36 43.95 23.20
CA ILE A 47 -9.55 47.36 21.66
CA MET A 48 -8.29 48.67 18.32
CA VAL A 49 -8.00 52.32 17.51
CA CYS A 50 -7.93 53.94 14.15
CA ARG A 51 -5.31 56.37 13.01
CA LYS A 52 -4.68 57.92 9.64
CA GLY A 53 -7.71 56.20 8.22
CA GLU A 54 -6.26 52.87 9.13
CA TRP A 55 -6.71 50.67 12.11
CA VAL A 56 -3.62 51.28 14.08
CA ALA A 57 -0.57 49.13 13.72
CA LEU A 58 -0.51 49.88 17.38
CA ASN A 59 -3.28 47.98 19.02
CA PRO A 60 -2.78 45.42 16.35
CA LEU A 61 -5.98 43.47 16.06
CA ARG A 62 -5.78 40.70 18.61
CA LYS A 63 -7.01 37.19 18.00
CA CYS A 64 -9.11 34.85 20.03
CA GLN A 65 -8.34 31.97 17.15
CA LYS A 66 -5.40 29.99 15.23
CA ARG A 67 -5.94 26.13 15.28
CA PRO A 68 -3.58 23.29 13.37
CA CYS A 69 -3.53 19.29 13.51
CA GLY A 70 -4.94 16.08 12.16
CA HIS A 71 -5.40 12.92 14.11
CA PRO A 72 -2.17 11.80 15.56
CA GLY A 73 -0.70 8.51 14.51
CA ASP A 74 -1.32 5.38 16.47
CA THR A 75 1.73 4.07 18.25
CA PRO A 76 1.20 0.46 19.04
CA PHE A 77 1.51 0.25 22.80
CA GLY A 78 0.47 3.72 23.77
CA THR A 79 -2.64 5.83 24.04
CA PHE A 80 -3.05 9.48 23.40
CA THR A 81 -4.68 11.64 26.01
CA LEU A 82 -6.77 14.78 25.89
CA THR A 83 -6.13 14.24 22.26
CA GLY A 84 -7.14 11.54 19.90
CA GLY A 85 -9.51 14.03 18.44
CA ASN A 86 -9.92 14.23 14.72
CA VAL A 87 -8.30 17.63 14.64
CA PHE A 88 -6.59 19.87 17.14
CA GLU A 89 -6.57 23.59 17.52
CA TYR A 90 -3.15 25.11 17.29
CA GLY A 91 -1.58 25.18 20.72
CA VAL A 92 -3.55 22.22 21.99
CA LYS A 93 -1.51 19.71 23.90
CA ALA A 94 -1.58 15.95 23.47
CA VAL A 95 0.43 13.37 25.27
CA TYR A 96 1.48 9.88 24.34
CA THR A 97 1.81 7.35 27.13
CA CYS A 98 2.65 3.70 27.02
CA ASN A 99 -0.18 1.42 27.99
CA GLU A 100 -0.01 -0.17 31.40
CA GLY A 101 2.53 -2.95 31.29
CA TYR A 102 4.64 -1.27 28.66
CA GLN A 103 7.73 0.87 28.85
CA LEU A 104 9.18 3.51 26.56
CA LEU A 105 12.81 4.53 26.49
CA GLY A 106 12.19 8.24 26.27
CA GLU A 107 9.21 8.06 28.64
CA ILE A 108 6.02 10.04 27.98
CA ASN A 109 6.15 12.40 25.02
CA TYR A 110 4.18 15.60 24.76
CA ARG A 111 3.46 17.49 21.58
CA GLU A 112 1.91 20.86 21.02
CA CYS A 113 -0.20 21.34 17.95
CA ASP A 114 1.59 23.67 15.64
CA THR A 115 -0.06 25.43 12.77
CA ASP A 116 0.09 22.16 10.94
CA GLY A 117 1.94 18.89 11.12
CA TRP A 118 2.98 16.89 14.13
CA THR A 119 6.63 16.33 14.84
CA ASN A 120 8.26 12.94 14.38
CA ASP A 121 7.44 10.56 17.19
CA ILE A 122 10.45 9.14 19.02
CA PRO A 123 8.61 6.91 21.46
CA ILE A 124 8.63 3.17 21.11
CA CYS A 125 6.91 1.15 23.77
CA GLU A 126 4.73 -1.27 21.63
CA VAL A 127 6.80 -3.02 18.59
CA VAL A 128 5.44 -4.47 15.07
CA LYS A 129 5.83 -8.07 13.89
CA CYS A 130 8.13 -8.86 10.71
CA LEU A 131 11.37 -8.94 8.82
CA PRO A 132 11.68 -6.56 5.99
CA VAL A 133 9.58 -7.74 3.09
CA THR A 134 11.37 -9.16 0.11
CA ALA A 135 10.67 -7.41 -3.13
CA PRO A 136 9.28 -9.13 -6.13
CA GLU A 137 11.65 -9.50 -9.06
CA ASN A 138 10.26 -6.82 -11.25
CA GLY A 139 8.78 -4.58 -8.68
CA LYS A 140 9.29 -1.41 -6.75
CA ILE A 141 9.18 -1.14 -2.99
CA VAL A 142 6.76 1.73 -3.14
CA SER A 143 5.46 2.63 0.32
CA SER A 144 7.53 1.02 3.04
CA ALA A 145 8.97 2.27 6.31
CA MET A 146 10.38 0.38 9.24
CA GLU A 147 8.47 1.07 12.43
CA PRO A 148 10.75 -0.98 14.54
CA ASP A 149 14.39 -0.40 13.92
CA ARG A 150 14.90 -3.04 11.31
CA GLU A 151 11.52 -4.60 11.33
CA TYR A 152 7.88 -3.86 10.84
CA HIS A 153 5.27 -3.75 13.54
CA PHE A 154 2.12 -5.82 13.52
CA GLY A 155 -0.43 -4.58 11.08
CA GLN A 156 1.94 -2.44 9.17
CA ALA A 157 1.68 -2.63 5.43
CA VAL A 158 3.85 -2.36 2.38
CA ARG A 159 2.67 -1.47 -1.11
CA PHE A 160 4.26 -2.81 -4.23
CA VAL A 161 4.16 -1.39 -7.71
CA CYS A 162 5.37 -3.14 -10.82
CA ASN A 163 7.85 -1.70 -13.24
CA SER A 164 6.14 0.07 -16.07
CA GLY A 165 5.48 -2.31 -18.89
CA TYR A 166 5.02 -5.06 -16.32
CA LYS A 167 1.72 -6.43 -15.08
CA ILE A 168 1.03 -7.37 -11.48
CA GLU A 169 -0.67 -10.54 -10.43
CA GLY A 170 -1.79 -10.88 -6.86
CA ASP A 171 -2.62 -8.24 -4.28
CA GLU A 172 -0.43 -5.17 -4.31
CA GLU A 173 -0.41 -4.71 -0.55
CA MET A 174 0.91 -6.90 2.21
CA HIS A 175 0.31 -6.86 5.96
CA CYS A 176 2.62 -7.90 8.76
CA SER A 177 0.96 -10.87 10.41
CA ASP A 178 0.98 -11.80 14.07
CA ASP A 179 2.89 -14.91 13.21
CA GLY A 180 5.64 -12.64 12.06
CA PHE A 181 5.25 -13.43 8.40
CA TRP A 182 4.08 -11.09 5.71
CA SER A 183 0.99 -11.92 3.73
CA LYS A 184 1.48 -13.42 0.30
CA GLU A 185 3.45 -11.29 -2.08
CA LYS A 186 2.26 -10.33 -5.47
CA PRO A 187 3.11 -13.51 -7.16
CA LYS A 188 4.92 -11.47 -9.65
CA CYS A 189 5.32 -8.60 -11.97
CA VAL A 190 5.44 -8.90 -15.85
CA GLU A 191 7.21 -7.83 -19.39
CA ILE A 192 8.18 -10.83 -21.99
CA SER A 193 5.41 -11.79 -24.53
CA CYS A 194 6.50 -12.12 -28.21
CA LYS A 195 9.28 -13.17 -30.51
CA SER A 196 9.01 -13.96 -34.15
CA PRO A 197 5.91 -15.93 -34.57
CA ASP A 198 6.59 -19.46 -35.61
CA VAL A 199 5.55 -21.06 -38.84
CA ILE A 200 2.01 -22.24 -39.19
CA ASN A 201 0.76 -25.50 -40.56
CA GLY A 202 1.14 -25.55 -44.31
CA SER A 203 0.91 -21.83 -44.21
CA PRO A 204 2.90 -18.74 -44.70
CA ILE A 205 2.94 -15.35 -42.99
CA SER A 206 2.09 -12.50 -45.29
CA GLN A 207 3.41 -9.79 -43.07
CA LYS A 208 6.64 -10.03 -41.20
CA ILE A 209 7.10 -7.20 -38.76
CA ILE A 210 8.58 -6.63 -35.35
CA TYR A 211 6.38 -8.11 -32.70
CA LYS A 212 5.72 -6.96 -29.21
CA GLU A 213 2.61 -7.52 -27.18
CA ASN A 214 -0.94 -7.03 -28.37
CA GLU A 215 -0.49 -7.81 -32.02
CA ARG A 216 -2.28 -9.96 -34.57
CA PHE A 217 -0.74 -11.86 -37.38
CA GLN A 218 -1.94 -13.27 -40.63
CA TYR A 219 -1.61 -17.00 -40.68
CA LYS A 220 -2.62 -17.75 -44.22
CA CYS A 221 -2.59 -21.15 -45.87
CA ASN A 222 -1.10 -21.83 -49.24
CA MET A 223 -2.34 -23.58 -52.33
CA GLY A 224 -3.05 -27.26 -52.06
CA TYR A 225 -4.47 -26.96 -48.58
CA GLU A 226 -8.09 -26.53 -47.64
CA TYR A 227 -8.56 -23.57 -45.37
CA SER A 228 -10.95 -23.95 -42.49
CA GLU A 229 -11.39 -21.42 -39.74
CA ARG A 230 -9.95 -17.95 -39.66
CA GLY A 231 -6.39 -17.45 -40.62
CA ASP A 232 -4.84 -15.15 -38.12
CA ALA A 233 -3.16 -15.64 -34.79
CA VAL A 234 -2.59 -13.30 -31.88
CA CYS A 235 0.31 -12.77 -29.49
CA THR A 236 -0.13 -13.96 -25.96
CA GLU A 237 3.16 -12.48 -24.79
CA SER A 238 4.96 -15.73 -25.46
CA GLY A 239 2.89 -18.29 -27.22
CA TRP A 240 0.55 -17.47 -30.04
CA ARG A 241 -3.21 -17.76 -30.23
CA PRO A 242 -5.13 -20.05 -32.56
CA LEU A 243 -3.61 -21.67 -35.57
CA PRO A 244 -5.78 -22.42 -38.50
CA SER A 245 -6.89 -25.75 -39.80
CA CYS A 246 -4.97 -26.11 -42.96
CA GLU A 247 -2.30 -28.87 -42.76
CA GLU A 248 -2.54 -31.67 -40.02
CA LYS A 249 0.74 -33.82 -39.04
CA SER A 250 0.20 -36.44 -36.18
CA CYS A 251 -0.31 -40.46 -35.52
CA ASP A 252 -0.84 -43.59 -37.41
CA ASN A 253 -4.25 -45.12 -37.34
CA PRO A 254 -3.91 -48.30 -35.34
CA TYR A 255 -5.55 -51.43 -36.45
CA ILE A 256 -7.03 -53.52 -33.89
CA PRO A 257 -8.90 -56.39 -35.34
CA ASN A 258 -10.78 -57.39 -32.51
CA GLY A 259 -9.71 -55.13 -29.63
CA ASP A 260 -11.21 -52.00 -28.16
CA TYR A 261 -9.33 -48.84 -27.12
CA SER A 262 -10.02 -45.46 -25.51
CA PRO A 263 -10.44 -42.67 -26.08
CA LEU A 264 -11.94 -43.02 -29.54
CA ARG A 265 -11.24 -40.38 -32.08
CA ILE A 266 -11.14 -39.89 -35.70
CA LYS A 267 -8.07 -38.05 -36.35
CA HIS A 268 -5.12 -38.54 -34.08
CA ARG A 269 -2.42 -36.07 -33.14
CA THR A 270 1.13 -36.59 -31.89
CA GLY A 271 1.53 -37.85 -28.32
CA ASP A 272 -1.71 -39.73 -27.61
CA GLU A 273 -1.55 -42.89 -25.54
CA ILE A 274 -4.63 -45.14 -25.50
CA THR A 275 -5.51 -48.20 -23.48
CA TYR A 276 -6.45 -51.19 -25.61
CA GLN A 277 -8.12 -54.28 -24.24
CA CYS A 278 -9.15 -57.51 -25.92
CA ARG A 279 -12.09 -58.46 -23.98
CA ASN A 280 -14.36 -60.03 -26.26
CA GLY A 281 -11.85 -61.26 -28.73
CA PHE A 282 -8.74 -62.95 -27.42
CA TYR A 283 -6.22 -62.11 -24.72
CA PRO A 284 -3.99 -58.97 -25.16
CA ALA A 285 -0.61 -59.38 -26.87
CA THR A 286 1.64 -57.38 -24.61
CA ARG A 287 2.10 -57.39 -20.89
CA GLY A 288 0.54 -53.99 -20.63
CA ASN A 289 -2.57 -52.78 -22.39
CA THR A 290 -1.65 -49.61 -24.30
CA ALA A 291 -0.11 -47.89 -27.29
CA LYS A 292 1.13 -44.30 -27.65
CA CYS A 293 0.54 -42.20 -30.67
CA THR A 294 3.72 -40.81 -32.11
CA SER A 295 3.79 -39.52 -35.73
CA THR A 296 3.88 -42.71 -37.82
CA GLY A 297 2.41 -45.39 -35.61
CA TRP A 298 1.70 -46.54 -32.06
CA ILE A 299 3.77 -47.93 -29.13
CA PRO A 300 4.03 -50.19 -27.37
CA ALA A 301 1.29 -52.20 -28.99
CA PRO A 302 -2.43 -52.75 -29.43
CA ARG A 303 -2.84 -56.37 -30.45
CA CYS A 304 -5.42 -58.90 -29.50
CA THR A 305 -1.59 -60.11 -30.69
CA LEU A 306 0.37 -61.42 -27.57
CA HIS A 307 3.79 -62.54 -25.61
CA HIS A 308 6.46 -65.08 -26.36
CA HIS A 309 9.99 -65.49 -25.06
CA HIS A 310 11.43 -69.06 -24.35
CA HIS A 311 15.31 -69.99 -24.57
CA HIS A 312 17.06 -72.55 -27.12
CA GLU A 1 67.72 -32.24 29.47
CA PHE A 2 65.77 -28.96 28.45
CA GLU A 3 66.08 -25.61 30.55
CA ASP A 4 62.30 -25.61 30.83
CA CYS A 5 58.88 -23.62 30.89
CA ASN A 6 55.95 -22.59 33.04
CA GLU A 7 52.84 -21.05 31.68
CA LEU A 8 53.88 -18.04 29.66
CA PRO A 9 54.03 -14.61 31.12
CA PRO A 10 51.03 -12.38 31.11
CA ARG A 11 50.96 -8.82 29.83
CA ARG A 12 48.45 -6.13 30.76
CA ASN A 13 45.11 -6.54 29.01
CA THR A 14 46.71 -8.99 26.65
CA GLU A 15 47.08 -12.73 26.73
CA ILE A 16 48.96 -15.57 25.08
CA LEU A 17 47.15 -17.21 22.20
CA THR A 18 48.13 -20.82 22.57
CA GLY A 19 44.80 -22.37 23.34
CA SER A 20 44.40 -21.14 26.86
CA TRP A 21 44.80 -23.71 29.56
CA SER A 22 46.00 -26.98 28.14
CA ASP A 23 49.35 -28.28 29.17
CA GLN A 24 50.90 -26.73 32.27
CA THR A 25 54.45 -26.75 31.06
CA TYR A 26 56.13 -26.42 27.72
CA PRO A 27 59.41 -27.62 26.39
CA GLU A 28 62.45 -25.55 25.52
CA GLY A 29 62.50 -24.16 22.03
CA THR A 30 58.79 -23.54 22.15
CA GLN A 31 57.69 -20.38 20.45
CA ALA A 32 54.36 -18.86 21.32
CA ILE A 33 52.58 -15.86 19.91
CA TYR A 34 50.76 -13.13 21.83
CA LYS A 35 47.64 -11.19 21.01
CA CYS A 36 45.79 -8.21 22.43
CA ARG A 37 42.08 -7.85 22.96
CA PRO A 38 40.21 -6.51 20.01
CA GLY A 39 40.78 -2.79 19.87
CA TYR A 40 44.38 -2.95 20.98
CA ARG A 41 47.42 -2.98 18.80
CA SER A 42 50.34 -5.22 19.54
CA LEU A 43 53.52 -3.27 19.29
CA GLY A 44 56.56 -5.32 20.09
CA ASN A 45 57.58 -8.93 20.05
CA VAL A 46 54.39 -10.59 18.97
CA ILE A 47 56.14 -13.82 19.72
CA MET A 48 57.98 -15.01 22.82
CA VAL A 49 60.24 -18.01 22.86
CA CYS A 50 61.28 -20.09 25.77
CA ARG A 51 64.82 -20.92 26.66
CA LYS A 52 66.27 -22.66 29.66
CA GLY A 53 62.83 -23.22 31.07
CA GLU A 54 62.22 -19.53 31.07
CA TRP A 55 60.57 -17.27 28.59
CA VAL A 56 63.43 -15.64 26.90
CA ALA A 57 64.81 -12.35 28.04
CA LEU A 58 65.19 -12.06 24.34
CA ASN A 59 61.80 -11.61 22.86
CA PRO A 60 60.88 -9.91 26.04
CA LEU A 61 57.14 -10.10 26.39
CA ARG A 62 55.73 -7.14 24.54
CA LYS A 63 52.80 -5.11 25.74
CA CYS A 64 49.71 -3.86 24.03
CA GLN A 65 46.41 -2.33 24.15
CA LYS A 66 43.09 -3.31 26.08
CA ARG A 67 39.39 -2.52 26.47
CA PRO A 68 38.37 -5.06 29.37
CA CYS A 69 34.77 -6.12 28.76
CA GLY A 70 33.49 -9.64 28.81
CA HIS A 71 31.23 -11.19 26.24
CA PRO A 72 28.11 -9.24 25.93
CA GLY A 73 24.82 -10.85 26.77
CA ASP A 74 22.69 -12.46 24.13
CA THR A 75 19.50 -10.61 23.42
CA PRO A 76 17.09 -12.97 21.77
CA PHE A 77 16.30 -11.36 18.45
CA GLY A 78 19.45 -9.39 17.87
CA THR A 79 23.04 -9.91 16.88
CA PHE A 80 26.07 -8.09 18.05
CA THR A 81 28.45 -6.67 15.49
CA LEU A 82 32.17 -6.04 15.44
CA THR A 83 31.76 -7.46 18.86
CA GLY A 84 30.72 -10.82 20.07
CA GLY A 85 34.30 -11.35 21.00
CA ASN A 86 35.16 -13.01 24.24
CA VAL A 87 36.59 -9.80 25.61
CA PHE A 88 36.81 -6.22 24.43
CA GLU A 89 39.49 -3.65 24.85
CA TYR A 90 38.36 -0.56 26.64
CA GLY A 91 36.97 1.90 24.14
CA VAL A 92 35.97 -0.76 21.67
CA LYS A 93 32.53 -0.29 20.19
CA ALA A 94 29.85 -2.93 19.81
CA VAL A 95 26.41 -2.56 18.42
CA TYR A 96 23.25 -4.52 18.96
CA THR A 97 20.84 -4.79 16.06
CA CYS A 98 17.61 -6.67 15.76
CA ASN A 99 17.69 -9.56 13.36
CA GLU A 100 16.02 -9.08 10.03
CA GLY A 101 12.30 -9.28 10.52
CA TYR A 102 12.43 -7.92 14.02
CA GLN A 103 11.93 -4.46 15.46
CA LEU A 104 13.17 -2.78 18.59
CA LEU A 105 11.50 0.20 20.22
CA GLY A 106 14.69 2.11 20.93
CA GLU A 107 16.27 1.04 17.63
CA ILE A 108 19.92 0.00 17.41
CA ASN A 109 21.91 0.39 20.61
CA TYR A 110 25.62 1.07 20.74
CA ARG A 111 27.85 0.53 23.72
CA GLU A 112 31.43 1.47 24.32
CA CYS A 113 33.54 -0.83 26.40
CA ASP A 114 34.33 0.88 29.63
CA THR A 115 37.07 -0.21 31.95
CA ASP A 116 34.77 -2.98 33.02
CA GLY A 117 31.10 -3.82 32.90
CA TRP A 118 28.59 -3.22 30.16
CA THR A 119 25.66 -0.94 30.79
CA ASN A 120 22.13 -2.27 31.13
CA ASP A 121 20.60 -3.18 27.81
CA ILE A 122 17.34 -1.41 27.01
CA PRO A 123 16.63 -3.02 23.67
CA ILE A 124 13.91 -5.58 23.24
CA CYS A 125 13.27 -6.90 19.79
CA GLU A 126 9.47 -7.73 19.70
CA VAL A 127 6.86 -6.30 17.08
CA VAL A 128 4.77 -9.81 16.74
CA LYS A 129 1.15 -9.42 15.41
CA CYS A 130 -2.37 -11.05 14.15
CA LEU A 131 -3.64 -14.22 12.62
CA PRO A 132 -4.90 -13.99 9.14
CA VAL A 133 -8.23 -12.23 9.09
CA THR A 134 -11.28 -14.31 8.43
CA ALA A 135 -13.32 -13.24 5.45
CA PRO A 136 -16.92 -12.31 5.66
CA GLU A 137 -19.34 -14.71 4.03
CA ASN A 138 -20.09 -12.73 0.96
CA GLY A 139 -16.95 -10.76 0.67
CA LYS A 140 -13.68 -10.52 -1.13
CA ILE A 141 -10.31 -10.33 0.56
CA VAL A 142 -9.33 -7.31 -1.46
CA SER A 143 -6.07 -5.82 -0.21
CA SER A 144 -4.24 -8.20 2.09
CA ALA A 145 -0.64 -9.29 2.40
CA MET A 146 1.15 -11.10 5.19
CA GLU A 147 4.00 -9.06 6.58
CA PRO A 148 5.11 -11.75 8.93
CA ASP A 149 5.29 -15.17 7.40
CA ARG A 150 1.82 -16.28 8.21
CA GLU A 151 0.66 -13.35 10.21
CA TYR A 152 0.16 -9.65 10.06
CA HIS A 153 2.23 -7.08 11.84
CA PHE A 154 0.83 -4.48 14.19
CA GLY A 155 -0.98 -1.72 12.43
CA GLN A 156 -1.31 -3.54 9.20
CA ALA A 157 -4.66 -3.35 7.52
CA VAL A 158 -6.90 -5.41 5.34
CA ARG A 159 -9.62 -4.08 3.07
CA PHE A 160 -12.79 -5.95 2.30
CA VAL A 161 -15.12 -5.53 -0.62
CA CYS A 162 -18.51 -7.12 -0.93
CA ASN A 163 -19.60 -9.21 -3.86
CA SER A 164 -21.40 -7.16 -6.44
CA GLY A 165 -25.07 -7.07 -5.73
CA TYR A 166 -24.25 -7.25 -2.02
CA LYS A 167 -24.24 -4.35 0.40
CA ILE A 168 -21.67 -3.89 3.14
CA GLU A 169 -22.52 -2.99 6.67
CA GLY A 170 -19.74 -1.94 8.99
CA ASP A 171 -16.31 -0.52 8.23
CA GLU A 172 -14.57 -1.93 5.18
CA GLU A 173 -11.11 -1.83 6.69
CA MET A 174 -9.62 -3.61 9.66
CA HIS A 175 -6.43 -3.00 11.63
CA CYS A 176 -4.25 -5.48 13.46
CA SER A 177 -4.48 -4.55 17.11
CA ASP A 178 -1.75 -4.77 19.72
CA ASP A 179 -3.80 -7.35 21.53
CA GLY A 180 -3.35 -9.50 18.50
CA PHE A 181 -6.94 -9.32 17.41
CA TRP A 182 -8.27 -7.64 14.31
CA SER A 183 -10.76 -4.85 14.64
CA LYS A 184 -14.40 -5.68 14.06
CA GLU A 185 -15.18 -7.12 10.68
CA LYS A 186 -17.78 -5.75 8.41
CA PRO A 187 -20.69 -7.32 10.07
CA LYS A 188 -21.62 -8.62 6.74
CA CYS A 189 -22.17 -8.35 3.08
CA VAL A 190 -25.98 -8.75 2.20
CA GLU A 191 -29.30 -7.59 0.48
CA ILE A 192 -30.22 -3.81 -0.69
CA SER A 193 -32.64 -2.80 -3.58
CA CYS A 194 -35.05 0.29 -4.10
CA LYS A 195 -37.93 1.54 -6.16
CA SER A 196 -37.90 4.42 -8.54
CA PRO A 197 -35.94 7.11 -6.92
CA ASP A 198 -38.05 10.08 -6.06
CA VAL A 199 -37.70 13.54 -7.45
CA ILE A 200 -35.00 15.75 -6.06
CA ASN A 201 -35.24 19.35 -5.04
CA GLY A 202 -35.48 21.55 -8.08
CA SER A 203 -33.66 18.87 -9.94
CA PRO A 204 -34.09 16.29 -12.57
CA ILE A 205 -32.72 12.79 -13.05
CA SER A 206 -30.63 12.40 -16.14
CA GLN A 207 -30.73 8.66 -16.23
CA LYS A 208 -33.80 6.65 -15.55
CA ILE A 209 -33.08 2.97 -15.28
CA ILE A 210 -34.29 -0.01 -13.32
CA TYR A 211 -33.05 0.15 -9.78
CA LYS A 212 -32.07 -2.59 -7.43
CA GLU A 213 -29.60 -2.41 -4.62
CA ASN A 214 -26.13 -0.89 -4.82
CA GLU A 215 -26.75 1.76 -7.41
CA ARG A 216 -25.99 5.44 -7.75
CA PHE A 217 -28.09 8.04 -9.41
CA GLN A 218 -27.50 11.42 -10.87
CA TYR A 219 -29.42 14.05 -9.02
CA LYS A 220 -28.71 17.07 -11.11
CA CYS A 221 -30.16 20.53 -10.59
CA ASN A 222 -31.68 22.58 -13.34
CA MET A 223 -31.20 26.14 -14.49
CA GLY A 224 -32.17 28.87 -12.09
CA TYR A 225 -30.88 27.00 -9.08
CA GLU A 226 -27.48 27.28 -7.51
CA TYR A 227 -25.84 23.91 -7.18
CA SER A 228 -23.96 23.21 -4.00
CA GLU A 229 -22.56 19.84 -3.05
CA ARG A 230 -22.35 16.82 -5.27
CA GLY A 231 -25.32 15.88 -7.34
CA ASP A 232 -25.80 12.20 -7.04
CA ALA A 233 -27.64 9.97 -4.63
CA VAL A 234 -27.24 6.33 -3.74
CA CYS A 235 -29.71 3.53 -2.97
CA THR A 236 -29.96 2.40 0.60
CA GLU A 237 -32.32 -0.45 -0.23
CA SER A 238 -35.32 1.72 0.47
CA GLY A 239 -34.51 5.32 1.04
CA TRP A 240 -31.94 7.20 -0.95
CA ARG A 241 -28.68 8.76 0.14
CA PRO A 242 -27.86 12.45 0.08
CA LEU A 243 -29.82 14.96 -1.87
CA PRO A 244 -28.10 17.99 -3.16
CA SER A 245 -28.49 21.55 -2.08
CA CYS A 246 -30.27 23.11 -4.95
CA GLU A 247 -30.92 26.88 -3.69
CA GLU A 248 -29.08 30.12 -4.73
CA LYS A 249 -27.75 33.57 -3.37
CA SER A 250 -29.99 36.40 -5.24
CA CYS A 251 -28.80 39.52 -2.73
CA ASP A 252 -25.36 39.86 -1.44
CA ASN A 253 -24.57 38.32 1.88
CA PRO A 254 -24.01 41.21 4.24
CA TYR A 255 -21.20 41.15 6.66
CA ILE A 256 -21.84 42.46 9.98
CA PRO A 257 -18.96 41.94 12.27
CA ASN A 258 -20.54 42.54 15.38
CA GLY A 259 -24.14 43.51 14.62
CA ASP A 260 -27.36 41.55 14.59
CA TYR A 261 -30.11 41.71 11.96
CA SER A 262 -33.57 40.25 11.29
CA PRO A 263 -34.97 38.22 9.80
CA LEU A 264 -32.19 35.67 9.57
CA ARG A 265 -31.94 33.53 6.53
CA ILE A 266 -29.51 31.58 4.62
CA LYS A 267 -30.08 32.43 1.14
CA HIS A 268 -31.36 35.86 0.28
CA ARG A 269 -33.55 36.91 -2.61
CA THR A 270 -34.00 40.26 -4.32
CA GLY A 271 -35.89 42.95 -2.37
CA ASP A 272 -35.34 42.03 1.28
CA GLU A 273 -34.85 44.80 3.80
CA ILE A 274 -33.55 43.85 7.26
CA THR A 275 -33.14 45.82 10.45
CA TYR A 276 -29.63 45.69 11.85
CA GLN A 277 -28.72 46.81 15.34
CA CYS A 278 -25.39 46.95 17.13
CA ARG A 279 -26.38 46.36 20.58
CA ASN A 280 -23.73 44.47 22.09
CA GLY A 281 -20.94 45.67 19.91
CA PHE A 282 -20.71 49.37 19.19
CA TYR A 283 -23.18 52.00 18.08
CA PRO A 284 -24.80 51.69 14.58
CA ALA A 285 -23.08 53.44 11.64
CA THR A 286 -26.00 55.07 9.91
CA ARG A 287 -28.79 57.22 11.19
CA GLY A 288 -31.27 54.47 10.55
CA ASN A 289 -30.86 50.81 11.35
CA THR A 290 -31.43 48.85 8.12
CA ALA A 291 -30.21 47.57 4.77
CA LYS A 292 -32.21 46.38 1.76
CA CYS A 293 -31.32 43.39 -0.28
CA THR A 294 -30.99 44.19 -3.94
CA SER A 295 -29.08 41.79 -6.25
CA THR A 296 -25.41 42.50 -5.48
CA GLY A 297 -25.40 43.96 -1.99
CA TRP A 298 -27.40 45.79 0.68
CA ILE A 299 -28.62 49.40 1.24
CA PRO A 300 -28.47 51.62 3.05
CA ALA A 301 -26.05 49.97 5.42
CA PRO A 302 -25.53 47.45 8.20
CA ARG A 303 -22.41 48.54 10.03
CA CYS A 304 -21.62 48.55 13.69
CA THR A 305 -20.28 51.93 11.59
CA LEU A 306 -19.77 55.59 13.05
CA HIS A 307 -19.39 57.80 9.96
CA HIS A 308 -21.41 60.95 10.55
CA HIS A 309 -23.08 64.49 10.06
CA HIS A 310 -20.29 66.89 9.74
CA HIS A 311 -21.33 70.72 10.02
CA HIS A 312 -19.13 73.92 8.98
CA GLU A 1 13.01 -11.28 -51.29
CA PHE A 2 9.18 -11.26 -50.34
CA GLU A 3 7.88 -7.51 -50.51
CA ASP A 4 4.55 -6.40 -52.13
CA CYS A 5 1.75 -3.86 -51.47
CA ASN A 6 -1.64 -3.45 -53.09
CA GLU A 7 -2.83 -0.24 -54.56
CA LEU A 8 -2.51 2.41 -51.88
CA PRO A 9 -5.32 3.29 -49.60
CA PRO A 10 -7.81 5.92 -50.54
CA ARG A 11 -8.81 8.85 -48.38
CA ARG A 12 -11.99 10.87 -48.63
CA ASN A 13 -11.98 13.34 -51.52
CA THR A 14 -8.27 12.86 -51.82
CA GLU A 15 -6.18 10.51 -53.89
CA ILE A 16 -2.64 9.17 -54.23
CA LEU A 17 -0.47 11.04 -56.68
CA THR A 18 1.59 8.29 -58.18
CA GLY A 19 0.41 8.37 -61.74
CA SER A 20 -2.97 6.82 -61.24
CA TRP A 21 -3.38 3.32 -62.52
CA SER A 22 -0.10 1.90 -63.64
CA ASP A 23 1.31 -1.06 -61.83
CA GLN A 24 -1.08 -3.00 -59.62
CA THR A 25 1.35 -3.77 -56.88
CA TYR A 26 4.34 -2.04 -55.40
CA PRO A 27 7.38 -3.29 -53.62
CA GLU A 28 8.23 -2.88 -49.95
CA GLY A 29 10.06 0.30 -49.08
CA THR A 30 8.01 2.23 -51.59
CA GLN A 31 7.09 5.70 -50.48
CA ALA A 32 4.20 7.48 -52.11
CA ILE A 33 2.84 10.94 -51.63
CA TYR A 34 -0.80 12.00 -51.32
CA LYS A 35 -2.60 15.06 -52.56
CA CYS A 36 -6.01 16.62 -52.10
CA ARG A 37 -8.22 18.13 -54.77
CA PRO A 38 -7.61 21.75 -55.41
CA GLY A 39 -9.24 23.71 -52.64
CA TYR A 40 -8.38 21.24 -49.92
CA ARG A 41 -5.45 21.36 -47.60
CA SER A 42 -3.52 18.26 -46.72
CA LEU A 43 -2.98 18.12 -43.02
CA GLY A 44 -1.14 15.05 -41.92
CA ASN A 45 1.25 12.55 -43.39
CA VAL A 46 1.52 13.78 -46.92
CA ILE A 47 3.45 10.63 -47.58
CA MET A 48 2.64 7.00 -46.86
CA VAL A 49 5.20 4.24 -46.98
CA CYS A 50 4.63 0.59 -47.44
CA ARG A 51 5.99 -2.09 -45.20
CA LYS A 52 5.36 -5.80 -45.11
CA GLY A 53 3.13 -5.54 -48.14
CA GLU A 54 0.91 -3.16 -46.31
CA TRP A 55 0.78 0.58 -46.20
CA VAL A 56 2.40 1.39 -42.96
CA ALA A 57 0.42 1.86 -39.81
CA LEU A 58 3.12 4.40 -39.38
CA ASN A 59 2.48 7.20 -41.76
CA PRO A 60 -1.14 6.39 -41.37
CA LEU A 61 -2.93 7.72 -44.40
CA ARG A 62 -3.77 11.32 -43.66
CA LYS A 63 -7.00 12.96 -44.66
CA CYS A 64 -7.78 16.24 -46.30
CA GLN A 65 -9.53 18.14 -43.31
CA LYS A 66 -10.21 21.03 -40.68
CA ARG A 67 -9.98 21.50 -36.70
CA PRO A 68 -11.22 24.91 -35.08
CA CYS A 69 -11.53 24.17 -31.22
CA GLY A 70 -11.20 20.88 -29.42
CA HIS A 71 -13.10 19.88 -26.35
CA PRO A 72 -12.54 22.30 -23.62
CA GLY A 73 -10.88 21.19 -20.43
CA ASP A 74 -12.88 20.11 -17.46
CA THR A 75 -12.70 22.47 -14.55
CA PRO A 76 -13.67 20.63 -11.44
CA PHE A 77 -16.63 22.55 -10.10
CA GLY A 78 -17.99 24.02 -13.27
CA THR A 79 -19.92 23.00 -16.33
CA PHE A 80 -19.57 24.26 -19.83
CA THR A 81 -22.65 25.42 -21.67
CA LEU A 82 -23.67 25.47 -25.29
CA THR A 83 -20.30 23.92 -25.56
CA GLY A 84 -18.90 20.70 -24.31
CA GLY A 85 -18.98 19.56 -27.87
CA ASN A 86 -16.10 17.59 -29.25
CA VAL A 87 -15.11 20.44 -31.51
CA PHE A 88 -16.24 24.00 -32.02
CA GLU A 89 -16.51 26.09 -35.11
CA TYR A 90 -14.43 29.21 -35.02
CA GLY A 91 -16.43 32.00 -33.46
CA VAL A 92 -18.59 29.68 -31.40
CA LYS A 93 -19.09 30.79 -27.85
CA ALA A 94 -18.79 28.63 -24.75
CA VAL A 95 -19.20 29.62 -21.18
CA TYR A 96 -17.87 28.16 -17.98
CA THR A 97 -20.03 28.43 -14.90
CA CYS A 98 -19.50 27.12 -11.43
CA ASN A 99 -21.88 24.41 -10.40
CA GLU A 100 -24.65 25.35 -8.02
CA GLY A 101 -23.18 25.71 -4.58
CA TYR A 102 -19.80 26.83 -5.84
CA GLN A 103 -18.24 30.21 -6.32
CA LEU A 104 -15.52 31.50 -8.60
CA LEU A 105 -13.46 34.58 -7.94
CA GLY A 106 -13.58 35.92 -11.47
CA GLU A 107 -17.20 34.83 -11.94
CA ILE A 108 -18.40 33.22 -15.18
CA ASN A 109 -15.84 33.11 -17.97
CA TYR A 110 -16.69 33.18 -21.64
CA ARG A 111 -14.42 32.11 -24.44
CA GLU A 112 -14.78 32.44 -28.17
CA CYS A 113 -13.39 29.72 -30.33
CA ASP A 114 -10.45 31.07 -32.21
CA THR A 115 -8.96 29.42 -35.23
CA ASP A 116 -7.37 26.99 -32.85
CA GLY A 117 -6.52 26.75 -29.19
CA TRP A 118 -8.48 27.90 -26.19
CA THR A 119 -7.05 30.58 -23.96
CA ASN A 120 -5.81 29.80 -20.46
CA ASP A 121 -8.61 29.35 -18.00
CA ILE A 122 -8.50 31.67 -14.98
CA PRO A 123 -11.55 30.39 -13.17
CA ILE A 124 -11.27 28.33 -10.04
CA CYS A 125 -14.46 27.34 -8.31
CA GLU A 126 -16.22 24.55 -6.59
CA VAL A 127 -14.88 20.97 -7.87
CA VAL A 128 -16.75 18.24 -5.90
CA LYS A 129 -15.05 15.26 -4.05
CA CYS A 130 -15.52 12.78 -1.13
CA LEU A 131 -14.57 12.88 2.49
CA PRO A 132 -12.17 10.30 3.65
CA VAL A 133 -13.89 6.96 3.85
CA THR A 134 -14.65 5.60 7.27
CA ALA A 135 -13.15 2.23 8.01
CA PRO A 136 -15.15 -0.74 8.98
CA GLU A 137 -14.74 -1.92 12.55
CA ASN A 138 -12.58 -4.89 11.90
CA GLY A 139 -10.95 -3.85 8.74
CA LYS A 140 -7.80 -2.44 7.26
CA ILE A 141 -7.64 0.62 5.06
CA VAL A 142 -5.64 -1.20 2.45
CA SER A 143 -5.24 0.89 -0.68
CA SER A 144 -6.17 4.50 -0.08
CA ALA A 145 -4.60 7.81 -1.04
CA MET A 146 -6.01 11.30 -0.99
CA GLU A 147 -5.98 12.87 -4.43
CA PRO A 148 -7.28 16.15 -3.20
CA ASP A 149 -5.59 17.43 -0.11
CA ARG A 150 -7.91 15.91 2.41
CA GLU A 151 -10.44 14.41 0.11
CA TYR A 152 -10.84 12.00 -2.72
CA HIS A 153 -11.57 12.90 -6.29
CA PHE A 154 -14.50 11.56 -8.25
CA GLY A 155 -14.07 7.99 -9.31
CA GLN A 156 -11.28 7.28 -6.94
CA ALA A 157 -11.48 4.04 -5.07
CA VAL A 158 -10.51 2.56 -1.77
CA ARG A 159 -9.97 -1.13 -1.05
CA PHE A 160 -10.71 -2.72 2.27
CA VAL A 161 -9.34 -5.92 3.69
CA CYS A 162 -10.58 -7.63 6.79
CA ASN A 163 -8.42 -8.60 9.70
CA SER A 164 -7.21 -12.15 9.40
CA GLY A 165 -9.63 -14.49 11.03
CA TYR A 166 -12.44 -12.16 10.01
CA LYS A 167 -14.77 -12.60 7.06
CA ILE A 168 -15.93 -9.79 4.82
CA GLU A 169 -19.49 -9.31 3.75
CA GLY A 170 -20.21 -6.84 1.00
CA ASP A 171 -18.00 -5.50 -1.75
CA GLU A 172 -14.39 -4.86 -0.80
CA GLU A 173 -14.02 -1.76 -2.95
CA MET A 174 -15.73 1.59 -2.81
CA HIS A 175 -15.93 4.42 -5.34
CA CYS A 176 -16.27 8.13 -4.72
CA SER A 177 -19.63 9.11 -6.14
CA ASP A 178 -20.55 12.35 -7.87
CA ASP A 179 -22.92 13.10 -5.05
CA GLY A 180 -19.90 13.20 -2.84
CA PHE A 181 -20.71 10.06 -0.96
CA TRP A 182 -18.80 6.81 -1.06
CA SER A 183 -20.52 3.68 -2.23
CA LYS A 184 -21.73 1.28 0.41
CA GLU A 185 -19.06 -0.03 2.71
CA LYS A 186 -18.46 -3.64 3.33
CA PRO A 187 -21.21 -4.14 5.77
CA LYS A 188 -18.67 -5.60 8.02
CA CYS A 189 -15.78 -7.79 8.83
CA VAL A 190 -15.85 -10.93 11.18
CA GLU A 191 -16.40 -11.27 15.05
CA ILE A 192 -14.76 -13.99 17.33
CA SER A 193 -17.82 -15.10 19.74
CA CYS A 194 -16.04 -14.94 23.29
CA LYS A 195 -16.21 -14.36 26.99
CA SER A 196 -13.94 -12.21 29.04
CA PRO A 197 -10.51 -12.80 27.78
CA ASP A 198 -8.35 -14.52 30.31
CA VAL A 199 -5.26 -13.11 31.90
CA ILE A 200 -2.05 -13.17 29.96
CA ASN A 201 1.36 -14.21 31.11
CA GLY A 202 2.79 -11.57 33.39
CA SER A 203 0.64 -9.10 31.62
CA PRO A 204 -2.34 -6.93 32.06
CA ILE A 205 -5.19 -5.89 29.78
CA SER A 206 -5.35 -2.19 29.17
CA GLN A 207 -8.86 -2.16 27.85
CA LYS A 208 -11.66 -4.11 29.35
CA ILE A 209 -14.76 -4.04 27.23
CA ILE A 210 -17.60 -6.33 26.30
CA TYR A 211 -16.42 -8.96 23.89
CA LYS A 212 -18.23 -10.63 21.09
CA GLU A 213 -16.74 -12.06 17.95
CA ASN A 214 -14.19 -10.37 15.73
CA GLU A 215 -12.38 -8.31 18.32
CA ARG A 216 -8.77 -7.66 19.22
CA PHE A 217 -7.38 -7.11 22.65
CA GLN A 218 -4.30 -5.54 24.05
CA TYR A 219 -2.22 -8.06 25.88
CA LYS A 220 0.47 -5.86 27.30
CA CYS A 221 3.26 -6.97 29.62
CA ASN A 222 4.17 -5.18 32.78
CA MET A 223 7.43 -3.93 34.21
CA GLY A 224 10.02 -6.52 35.08
CA TYR A 225 9.24 -8.65 32.07
CA GLU A 226 10.93 -8.56 28.72
CA TYR A 227 8.44 -8.13 25.94
CA SER A 228 8.98 -10.16 22.81
CA GLU A 229 6.50 -10.39 19.98
CA ARG A 230 3.40 -8.30 19.55
CA GLY A 231 1.17 -7.76 22.50
CA ASP A 232 -2.35 -8.24 21.36
CA ALA A 233 -4.63 -11.21 21.06
CA VAL A 234 -7.72 -11.83 18.98
CA CYS A 235 -11.01 -13.60 19.64
CA THR A 236 -11.55 -16.91 17.96
CA GLU A 237 -15.13 -17.21 19.17
CA SER A 238 -14.05 -19.15 22.20
CA GLY A 239 -10.35 -19.31 22.66
CA TRP A 240 -8.05 -16.40 22.07
CA ARG A 241 -5.32 -15.95 19.51
CA PRO A 242 -1.63 -15.54 20.27
CA LEU A 243 -0.31 -14.65 23.66
CA PRO A 244 2.87 -12.73 23.91
CA SER A 245 6.20 -13.87 25.15
CA CYS A 246 6.56 -12.09 28.39
CA GLU A 247 8.40 -15.07 30.52
CA GLU A 248 12.41 -15.42 29.70
CA LYS A 249 12.79 -19.23 29.70
CA SER A 250 16.73 -20.29 29.83
CA CYS A 251 18.85 -22.63 32.15
CA ASP A 252 17.98 -24.53 35.20
CA ASN A 253 18.61 -22.92 38.52
CA PRO A 254 21.44 -24.85 40.08
CA TYR A 255 21.34 -25.79 43.66
CA ILE A 256 24.43 -25.54 45.52
CA PRO A 257 23.95 -26.20 49.16
CA ASN A 258 27.01 -24.93 50.42
CA GLY A 259 29.06 -23.81 47.41
CA ASP A 260 29.59 -20.45 45.79
CA TYR A 261 29.61 -19.70 42.06
CA SER A 262 30.18 -16.76 39.70
CA PRO A 263 28.84 -14.76 38.11
CA LEU A 264 25.67 -14.45 40.18
CA ARG A 265 22.44 -13.74 38.44
CA ILE A 266 18.83 -14.13 38.89
CA LYS A 267 17.59 -15.38 35.72
CA HIS A 268 19.81 -17.53 33.59
CA ARG A 269 19.90 -17.84 29.83
CA THR A 270 21.14 -20.64 27.58
CA GLY A 271 24.91 -21.13 27.35
CA ASP A 272 26.24 -19.76 30.66
CA GLU A 273 29.14 -21.53 32.31
CA ILE A 274 29.93 -20.61 35.94
CA THR A 275 32.79 -21.54 38.22
CA TYR A 276 31.66 -23.09 41.48
CA GLN A 277 33.92 -23.56 44.47
CA CYS A 278 33.29 -25.11 47.86
CA ARG A 279 35.51 -23.17 50.00
CA ASN A 280 33.87 -22.82 53.16
CA GLY A 281 31.79 -25.92 52.99
CA PHE A 282 33.44 -29.12 51.84
CA TYR A 283 35.70 -30.04 48.94
CA PRO A 284 34.29 -29.80 45.34
CA ALA A 285 32.69 -32.90 43.83
CA THR A 286 34.19 -32.95 40.38
CA ARG A 287 37.73 -32.67 39.19
CA GLY A 288 37.03 -29.28 37.72
CA ASN A 289 35.09 -26.47 39.32
CA THR A 290 32.31 -25.49 36.90
CA ALA A 291 28.89 -26.08 35.37
CA LYS A 292 27.46 -24.81 32.07
CA CYS A 293 23.98 -23.54 31.68
CA THR A 294 22.09 -25.31 28.95
CA SER A 295 18.27 -25.17 28.85
CA THR A 296 17.20 -27.61 31.58
CA GLY A 297 20.13 -27.83 33.94
CA TRP A 298 23.89 -27.39 34.37
CA ILE A 299 27.04 -29.35 33.30
CA PRO A 300 29.36 -30.68 34.33
CA ALA A 301 28.49 -30.15 37.96
CA PRO A 302 28.34 -27.77 40.89
CA ARG A 303 28.43 -29.92 43.99
CA CYS A 304 30.17 -29.42 47.27
CA THR A 305 31.55 -32.81 45.77
CA LEU A 306 34.46 -33.47 43.46
CA HIS A 307 34.75 -37.32 42.30
CA HIS A 308 38.03 -39.66 41.89
CA HIS A 309 38.17 -43.19 43.13
CA HIS A 310 40.63 -45.56 41.23
CA HIS A 311 44.48 -45.09 40.75
CA HIS A 312 45.65 -47.63 37.86
CA GLU A 1 52.33 32.95 -20.65
CA PHE A 2 49.03 33.22 -18.58
CA GLU A 3 45.59 35.24 -18.81
CA ASP A 4 45.33 38.79 -17.18
CA CYS A 5 43.08 38.15 -14.04
CA ASN A 6 39.60 36.69 -13.91
CA GLU A 7 36.94 37.90 -11.60
CA LEU A 8 38.36 37.79 -8.11
CA PRO A 9 37.90 34.85 -5.86
CA PRO A 10 34.92 34.58 -3.62
CA ARG A 11 35.04 33.88 0.11
CA ARG A 12 32.24 32.50 2.23
CA ASN A 13 29.57 35.04 3.06
CA THR A 14 31.91 37.77 1.93
CA GLU A 15 32.42 39.45 -1.39
CA ILE A 16 34.85 41.70 -3.24
CA LEU A 17 34.03 45.38 -3.07
CA THR A 18 35.05 46.58 -6.48
CA GLY A 19 31.72 47.64 -7.88
CA SER A 20 30.27 44.24 -8.49
CA TRP A 21 30.00 43.18 -12.07
CA SER A 22 31.73 45.64 -14.33
CA ASP A 23 34.70 44.50 -16.30
CA GLN A 24 35.21 40.76 -16.62
CA THR A 25 38.95 40.78 -16.39
CA TYR A 26 41.51 42.92 -14.66
CA PRO A 27 45.08 43.71 -15.37
CA GLU A 28 48.14 42.56 -13.45
CA GLY A 29 49.12 44.73 -10.55
CA THR A 30 45.49 45.34 -9.71
CA GLN A 31 44.77 45.50 -6.02
CA ALA A 32 41.27 44.94 -4.79
CA ILE A 33 39.81 45.11 -1.33
CA TYR A 34 37.39 42.68 0.29
CA LYS A 35 34.52 43.25 2.67
CA CYS A 36 32.20 41.12 4.75
CA ARG A 37 28.47 41.52 5.17
CA PRO A 38 27.46 43.79 7.96
CA GLY A 39 27.85 41.91 11.20
CA TYR A 40 30.98 40.08 10.16
CA ARG A 41 34.52 41.07 10.89
CA SER A 42 37.22 40.76 8.30
CA LEU A 43 40.24 39.12 9.79
CA GLY A 44 43.02 38.66 7.33
CA ASN A 45 44.19 40.18 4.11
CA VAL A 46 41.54 42.77 3.52
CA ILE A 47 43.17 43.27 0.17
CA MET A 48 44.10 40.80 -2.55
CA VAL A 49 46.41 41.63 -5.40
CA CYS A 50 46.66 39.96 -8.72
CA ARG A 51 49.84 38.68 -10.23
CA LYS A 52 50.45 36.65 -13.35
CA GLY A 53 46.78 36.71 -14.18
CA GLU A 54 46.01 35.07 -10.92
CA TRP A 55 45.01 36.44 -7.58
CA VAL A 56 48.16 36.24 -5.63
CA ALA A 57 48.98 33.29 -3.47
CA LEU A 58 50.39 36.10 -1.45
CA ASN A 59 47.56 38.04 0.00
CA PRO A 60 45.67 34.82 0.02
CA LEU A 61 42.01 35.66 0.05
CA ARG A 62 41.04 36.11 3.66
CA LYS A 63 37.78 34.92 5.13
CA CYS A 64 35.26 36.55 7.36
CA GLN A 65 31.83 36.66 8.27
CA LYS A 66 28.61 34.64 7.07
CA ARG A 67 24.92 34.30 8.29
CA PRO A 68 22.15 32.52 6.00
CA CYS A 69 19.31 34.66 4.60
CA GLY A 70 15.78 35.92 4.90
CA HIS A 71 12.69 33.81 4.86
CA PRO A 72 12.51 31.81 1.76
CA GLY A 73 9.68 32.35 -0.65
CA ASP A 74 6.59 30.25 -0.52
CA THR A 75 6.20 27.93 -3.45
CA PRO A 76 2.60 26.93 -3.74
CA PHE A 77 2.64 23.17 -3.46
CA GLY A 78 5.76 22.66 -1.42
CA THR A 79 6.98 23.03 2.11
CA PHE A 80 10.37 24.04 3.31
CA THR A 81 12.13 21.88 5.85
CA LEU A 82 14.61 22.57 8.61
CA THR A 83 14.11 26.01 7.25
CA GLY A 84 11.13 28.26 7.15
CA GLY A 85 12.86 30.26 9.79
CA ASN A 86 12.80 34.01 9.62
CA VAL A 87 16.50 34.12 8.91
CA PHE A 88 19.20 31.58 8.26
CA GLU A 89 22.82 31.52 9.24
CA TYR A 90 25.17 31.35 6.31
CA GLY A 91 25.78 27.74 5.41
CA VAL A 92 22.46 26.56 6.76
CA LYS A 93 20.64 24.14 4.51
CA ALA A 94 16.99 24.27 3.55
CA VAL A 95 15.10 21.98 1.29
CA TYR A 96 11.98 22.45 -0.75
CA THR A 97 9.74 19.44 -1.23
CA CYS A 98 6.43 19.13 -2.97
CA ASN A 99 3.54 18.41 -0.69
CA GLU A 100 2.19 14.89 -0.68
CA GLY A 101 0.17 14.39 -3.81
CA TYR A 102 2.23 16.80 -5.85
CA GLN A 103 5.11 16.33 -8.23
CA LEU A 104 7.94 18.58 -9.32
CA LEU A 105 9.86 18.18 -12.54
CA GLY A 106 13.28 18.80 -11.05
CA GLU A 107 12.43 16.91 -7.86
CA ILE A 108 13.46 18.19 -4.43
CA ASN A 109 15.65 21.28 -4.45
CA TYR A 110 18.22 22.10 -1.80
CA ARG A 111 19.72 25.50 -1.18
CA GLU A 112 22.54 26.56 1.06
CA CYS A 113 22.32 29.94 2.67
CA ASP A 114 24.95 32.15 1.16
CA THR A 115 26.11 35.36 2.71
CA ASP A 116 22.91 36.88 1.43
CA GLY A 117 20.26 36.15 -1.13
CA TRP A 118 18.72 32.86 -2.11
CA THR A 119 19.16 31.57 -5.63
CA ASN A 120 16.30 31.49 -8.10
CA ASP A 121 13.90 28.65 -7.45
CA ILE A 122 13.40 26.27 -10.37
CA PRO A 123 10.87 23.97 -8.78
CA ILE A 124 7.25 24.01 -9.79
CA CYS A 125 4.96 21.48 -8.21
CA GLU A 126 1.36 20.08 -8.75
CA VAL A 127 -0.89 17.47 -7.01
CA VAL A 128 -3.06 15.08 -9.26
CA LYS A 129 -6.96 15.51 -8.46
CA CYS A 130 -9.48 12.80 -7.29
CA LEU A 131 -12.24 10.34 -7.96
CA PRO A 132 -15.63 11.34 -6.85
CA VAL A 133 -15.87 11.11 -3.09
CA THR A 134 -17.88 8.29 -1.65
CA ALA A 135 -20.72 9.35 0.59
CA PRO A 136 -21.06 8.25 4.12
CA GLU A 137 -23.93 5.88 4.84
CA ASN A 138 -26.25 8.30 6.47
CA GLY A 139 -25.12 11.46 4.88
CA LYS A 140 -25.92 13.97 2.21
CA ILE A 141 -23.52 15.05 -0.50
CA VAL A 142 -24.12 18.70 0.25
CA SER A 143 -21.72 20.90 -1.69
CA SER A 144 -19.98 19.01 -4.44
CA ALA A 145 -19.21 19.77 -8.07
CA MET A 146 -16.85 18.10 -10.48
CA GLU A 147 -14.23 20.50 -11.77
CA PRO A 148 -12.73 17.99 -14.08
CA ASP A 149 -15.22 16.06 -16.11
CA ARG A 150 -15.66 13.18 -13.76
CA GLU A 151 -13.14 14.07 -11.17
CA TYR A 152 -12.15 16.77 -8.76
CA HIS A 153 -9.19 19.04 -9.09
CA PHE A 154 -6.50 19.41 -6.46
CA GLY A 155 -7.62 21.39 -3.50
CA GLN A 156 -11.25 21.15 -4.26
CA ALA A 157 -13.50 20.35 -1.38
CA VAL A 158 -16.71 18.56 -0.64
CA ARG A 159 -18.98 19.21 2.33
CA PHE A 160 -21.04 16.54 3.98
CA VAL A 161 -24.12 16.94 6.11
CA CYS A 162 -25.74 14.20 8.10
CA ASN A 163 -29.36 13.24 7.85
CA SER A 164 -31.46 15.02 10.40
CA GLY A 165 -31.64 13.02 13.56
CA TYR A 166 -28.13 11.76 12.85
CA LYS A 167 -24.95 13.02 14.45
CA ILE A 168 -21.69 13.51 12.59
CA GLU A 169 -18.36 12.36 13.88
CA GLY A 170 -15.24 13.58 12.14
CA ASP A 171 -14.65 16.64 10.00
CA GLU A 172 -17.49 17.62 7.71
CA GLU A 173 -15.27 18.76 4.86
CA MET A 174 -12.81 16.89 2.71
CA HIS A 175 -10.05 18.10 0.41
CA CYS A 176 -8.69 16.49 -2.73
CA SER A 177 -5.10 15.61 -1.97
CA ASP A 178 -2.15 15.69 -4.32
CA ASP A 179 -1.84 11.96 -3.95
CA GLY A 180 -5.22 11.75 -5.55
CA PHE A 181 -7.00 10.60 -2.45
CA TRP A 182 -9.59 12.52 -0.49
CA SER A 183 -8.94 13.35 3.12
CA LYS A 184 -10.60 11.18 5.73
CA GLU A 185 -14.35 11.06 5.54
CA LYS A 186 -16.58 11.80 8.43
CA PRO A 187 -16.27 8.50 10.07
CA LYS A 188 -19.96 8.39 10.09
CA CYS A 189 -23.34 9.83 10.62
CA VAL A 190 -25.35 8.29 13.59
CA GLU A 191 -28.68 7.13 15.34
CA ILE A 192 -28.38 4.14 17.79
CA SER A 193 -26.00 2.29 20.24
CA CYS A 194 -26.39 -0.43 23.24
CA LYS A 195 -26.65 -1.33 26.88
CA SER A 196 -24.09 -3.09 28.96
CA PRO A 197 -22.71 -5.79 26.83
CA ASP A 198 -23.58 -9.20 28.12
CA VAL A 199 -21.17 -11.80 29.36
CA ILE A 200 -19.31 -13.85 26.83
CA ASN A 201 -18.75 -17.55 26.79
CA GLY A 202 -16.22 -18.50 29.42
CA SER A 203 -14.83 -15.05 29.07
CA PRO A 204 -14.50 -11.80 30.86
CA ILE A 205 -14.58 -8.19 29.73
CA SER A 206 -11.38 -6.34 30.40
CA GLN A 207 -12.81 -2.90 29.98
CA LYS A 208 -16.12 -1.85 31.35
CA ILE A 209 -17.17 1.54 30.12
CA ILE A 210 -20.34 3.33 29.15
CA TYR A 211 -21.57 2.11 25.82
CA LYS A 212 -23.36 3.94 23.11
CA GLU A 213 -23.30 3.19 19.42
CA ASN A 214 -20.20 2.49 17.37
CA GLU A 215 -18.03 0.91 20.01
CA ARG A 216 -15.90 -2.20 20.25
CA PHE A 217 -15.38 -4.34 23.27
CA GLN A 218 -12.79 -6.80 24.37
CA TYR A 219 -14.26 -10.22 24.77
CA LYS A 220 -11.35 -12.10 26.20
CA CYS A 221 -11.36 -15.71 27.34
CA ASN A 222 -9.97 -16.86 30.62
CA MET A 223 -7.59 -19.60 31.62
CA GLY A 224 -8.70 -23.15 31.00
CA TYR A 225 -10.34 -22.29 27.72
CA GLU A 226 -8.83 -22.53 24.28
CA TYR A 227 -9.16 -19.28 22.42
CA SER A 228 -10.07 -19.46 18.78
CA GLU A 229 -10.95 -16.48 16.64
CA ARG A 230 -10.58 -12.86 17.62
CA GLY A 231 -11.74 -11.79 21.01
CA ASP A 232 -13.65 -8.61 20.60
CA ALA A 233 -17.26 -7.77 19.86
CA VAL A 234 -18.89 -4.69 18.44
CA CYS A 235 -22.13 -2.86 19.20
CA THR A 236 -24.91 -3.16 16.70
CA GLU A 237 -27.12 -0.68 18.52
CA SER A 238 -28.82 -3.44 20.43
CA GLY A 239 -27.25 -6.79 19.98
CA TRP A 240 -23.53 -7.34 19.87
CA ARG A 241 -21.34 -8.58 17.05
CA PRO A 242 -19.33 -11.80 17.06
CA LEU A 243 -18.57 -13.73 20.16
CA PRO A 244 -15.42 -15.72 20.31
CA SER A 245 -15.02 -19.44 20.33
CA CYS A 246 -13.91 -20.14 23.82
CA GLU A 247 -12.14 -22.86 22.93
CA GLU A 248 -11.08 -26.07 21.03
CA LYS A 249 -11.54 -29.71 22.49
CA SER A 250 -10.91 -33.30 21.22
CA CYS A 251 -12.95 -36.87 21.24
CA ASP A 252 -13.39 -40.04 23.09
CA ASN A 253 -10.68 -42.61 22.84
CA PRO A 254 -12.15 -45.47 20.85
CA TYR A 255 -11.59 -48.98 21.87
CA ILE A 256 -11.00 -51.39 19.24
CA PRO A 257 -10.11 -54.75 20.59
CA ASN A 258 -8.80 -56.25 17.66
CA GLY A 259 -9.19 -53.71 14.85
CA ASP A 260 -6.82 -51.22 13.31
CA TYR A 261 -7.59 -47.61 12.38
CA SER A 262 -5.90 -44.61 10.74
CA PRO A 263 -4.55 -42.13 11.29
CA LEU A 264 -3.10 -43.02 14.68
CA ARG A 265 -2.76 -40.34 17.26
CA ILE A 266 -2.55 -39.91 20.88
CA LYS A 267 -4.79 -37.18 21.68
CA HIS A 268 -7.84 -36.62 19.56
CA ARG A 269 -9.61 -33.39 18.77
CA THR A 270 -13.19 -32.69 17.70
CA GLY A 271 -14.14 -33.66 14.14
CA ASP A 272 -11.75 -36.50 13.27
CA GLU A 273 -13.04 -39.39 11.20
CA ILE A 274 -10.87 -42.52 11.00
CA THR A 275 -11.14 -45.67 8.93
CA TYR A 276 -11.15 -48.83 10.99
CA GLN A 277 -10.66 -52.28 9.54
CA CYS A 278 -10.67 -55.70 11.16
CA ARG A 279 -8.31 -57.53 9.07
CA ASN A 280 -6.58 -59.80 11.22
CA GLY A 281 -9.24 -60.18 13.82
CA PHE A 282 -12.79 -60.73 12.65
CA TYR A 283 -15.01 -59.06 10.09
CA PRO A 284 -16.05 -55.37 10.65
CA ALA A 285 -19.30 -54.67 12.52
CA THR A 286 -20.87 -52.01 10.38
CA ARG A 287 -21.47 -51.78 6.69
CA GLY A 288 -18.88 -49.09 6.36
CA ASN A 289 -15.48 -49.01 7.96
CA THR A 290 -15.21 -45.75 9.93
CA ALA A 291 -15.97 -43.67 13.00
CA LYS A 292 -15.93 -39.89 13.43
CA CYS A 293 -14.54 -38.15 16.43
CA THR A 294 -17.02 -35.81 18.03
CA SER A 295 -16.49 -34.66 21.65
CA THR A 296 -17.53 -37.67 23.73
CA GLY A 297 -17.14 -40.65 21.45
CA TRP A 298 -17.00 -41.89 17.86
CA ILE A 299 -19.55 -42.47 15.03
CA PRO A 300 -20.62 -44.48 13.28
CA ALA A 301 -18.62 -47.31 14.76
CA PRO A 302 -15.28 -49.07 15.00
CA ARG A 303 -16.03 -52.63 16.01
CA CYS A 304 -14.48 -55.85 14.91
CA THR A 305 -17.26 -58.41 13.74
CA LEU A 306 -17.98 -60.74 16.75
CA HIS A 307 -17.48 -64.52 15.94
CA HIS A 308 -16.58 -67.08 18.88
CA HIS A 309 -17.75 -70.79 18.79
CA HIS A 310 -16.90 -74.20 20.34
CA HIS A 311 -18.62 -77.23 18.44
CA HIS A 312 -18.99 -80.87 20.11
CA GLU A 1 69.67 -27.88 6.14
CA PHE A 2 70.17 -24.10 6.83
CA GLU A 3 67.26 -22.44 8.92
CA ASP A 4 63.33 -22.44 8.64
CA CYS A 5 61.18 -20.10 9.77
CA ASN A 6 63.24 -16.99 10.35
CA GLU A 7 61.85 -13.82 11.74
CA LEU A 8 58.90 -12.86 9.60
CA PRO A 9 59.22 -10.55 6.69
CA PRO A 10 58.89 -6.84 7.13
CA ARG A 11 56.61 -4.61 5.11
CA ARG A 12 56.95 -0.87 4.64
CA ASN A 13 55.83 1.15 7.63
CA THR A 14 54.14 -1.94 8.99
CA GLU A 15 55.31 -4.65 11.31
CA ILE A 16 54.40 -8.12 12.53
CA LEU A 17 52.38 -8.20 15.71
CA THR A 18 53.72 -11.25 17.44
CA GLY A 19 55.30 -9.71 20.48
CA SER A 20 58.30 -8.18 18.82
CA TRP A 21 61.59 -9.85 19.52
CA SER A 22 61.10 -13.06 21.42
CA ASP A 23 62.08 -16.29 19.79
CA GLN A 24 64.36 -16.04 16.77
CA THR A 25 62.81 -18.84 14.80
CA TYR A 26 59.35 -20.28 14.49
CA PRO A 27 58.07 -23.66 13.56
CA GLU A 28 56.27 -24.67 10.38
CA GLY A 29 52.53 -24.21 10.45
CA THR A 30 52.90 -21.01 12.43
CA GLN A 31 50.45 -18.33 11.50
CA ALA A 32 51.21 -14.74 12.37
CA ILE A 33 49.17 -11.61 11.90
CA TYR A 34 50.37 -8.24 10.63
CA LYS A 35 49.39 -4.75 11.61
CA CYS A 36 50.02 -1.24 10.34
CA ARG A 37 50.86 1.83 12.38
CA PRO A 38 47.88 3.74 13.56
CA GLY A 39 46.56 5.75 10.67
CA TYR A 40 47.23 3.10 8.08
CA ARG A 41 44.82 0.55 6.76
CA SER A 42 45.86 -2.99 6.15
CA LEU A 43 44.66 -4.12 2.79
CA GLY A 44 45.67 -7.62 1.96
CA ASN A 45 46.62 -10.76 3.79
CA VAL A 46 46.48 -9.61 7.36
CA ILE A 47 47.96 -12.96 8.21
CA MET A 48 51.04 -14.73 6.88
CA VAL A 49 51.72 -18.39 7.45
CA CYS A 50 54.99 -20.17 7.31
CA ARG A 51 55.66 -23.25 5.30
CA LYS A 52 58.87 -25.12 4.62
CA GLY A 53 60.78 -22.76 6.85
CA GLU A 54 59.71 -19.87 4.72
CA TRP A 55 56.89 -17.45 4.99
CA VAL A 56 54.45 -18.71 2.49
CA ALA A 57 54.37 -17.44 -1.03
CA LEU A 58 50.73 -17.97 -0.35
CA ASN A 59 49.59 -15.33 2.02
CA PRO A 60 52.19 -13.15 0.48
CA LEU A 61 53.02 -10.45 2.97
CA ARG A 62 50.53 -7.68 2.43
CA LYS A 63 51.40 -4.02 2.59
CA CYS A 64 49.76 -1.10 4.26
CA GLN A 65 48.51 1.30 1.57
CA LYS A 66 46.18 4.48 1.92
CA ARG A 67 43.57 6.30 -0.29
CA PRO A 68 40.73 9.10 -0.46
CA CYS A 69 36.64 7.78 -0.30
CA GLY A 70 34.71 4.56 -0.10
CA HIS A 71 32.30 3.29 -2.67
CA PRO A 72 29.61 5.76 -3.26
CA GLY A 73 26.04 4.86 -2.47
CA ASP A 74 23.75 3.50 -5.10
CA THR A 75 20.99 5.85 -6.09
CA PRO A 76 18.24 3.88 -7.69
CA PHE A 77 17.89 5.37 -11.13
CA GLY A 78 21.37 6.67 -11.68
CA THR A 79 24.82 5.41 -12.47
CA PHE A 80 28.11 6.72 -11.28
CA THR A 81 30.80 7.49 -13.80
CA LEU A 82 34.57 7.41 -13.71
CA THR A 83 33.78 6.32 -10.24
CA GLY A 84 32.08 3.31 -8.87
CA GLY A 85 35.46 2.20 -7.74
CA ASN A 86 35.87 0.64 -4.36
CA VAL A 87 37.84 3.60 -3.13
CA PHE A 88 38.77 6.99 -4.51
CA GLU A 89 41.88 9.03 -4.13
CA TYR A 90 41.29 12.41 -2.59
CA GLY A 91 40.49 14.90 -5.30
CA VAL A 92 39.08 12.30 -7.65
CA LYS A 93 35.85 13.31 -9.31
CA ALA A 94 32.73 11.19 -9.65
CA VAL A 95 29.48 12.10 -11.22
CA TYR A 96 25.98 10.80 -10.71
CA THR A 97 23.68 10.78 -13.71
CA CYS A 98 20.15 9.53 -14.05
CA ASN A 99 19.77 6.52 -16.26
CA GLU A 100 18.34 7.07 -19.69
CA GLY A 101 14.63 7.61 -19.36
CA TYR A 102 14.89 9.17 -15.94
CA GLN A 103 15.00 12.73 -14.75
CA LEU A 104 16.44 14.37 -11.68
CA LEU A 105 15.31 17.71 -10.32
CA GLY A 106 18.77 19.05 -9.57
CA GLU A 107 20.24 17.47 -12.72
CA ILE A 108 23.63 15.75 -12.71
CA ASN A 109 25.55 15.98 -9.44
CA TYR A 110 29.31 15.98 -9.17
CA ARG A 111 31.29 15.23 -6.06
CA GLU A 112 34.96 15.53 -5.35
CA CYS A 113 36.53 13.01 -3.05
CA ASP A 114 37.51 14.76 0.12
CA THR A 115 39.90 13.35 2.63
CA ASP A 116 37.08 11.14 3.75
CA GLY A 117 33.33 10.99 3.51
CA TRP A 118 31.08 11.86 0.63
CA THR A 119 28.61 14.69 0.97
CA ASN A 120 24.88 14.07 1.23
CA ASP A 121 23.33 13.23 -2.10
CA ILE A 122 20.49 15.52 -3.18
CA PRO A 123 19.61 13.84 -6.43
CA ILE A 124 16.46 11.81 -6.83
CA CYS A 125 15.70 10.40 -10.22
CA GLU A 126 15.18 6.82 -11.14
CA VAL A 127 11.61 5.50 -10.12
CA VAL A 128 8.87 3.42 -12.12
CA LYS A 129 9.67 -0.25 -12.95
CA CYS A 130 7.69 -3.45 -13.34
CA LEU A 131 6.01 -6.55 -14.64
CA PRO A 132 2.44 -6.23 -15.55
CA VAL A 133 0.33 -5.99 -12.44
CA THR A 134 -1.74 -8.98 -11.52
CA ALA A 135 -5.44 -8.32 -11.23
CA PRO A 136 -7.40 -8.97 -8.14
CA GLU A 137 -9.88 -11.81 -8.33
CA ASN A 138 -13.01 -9.80 -8.63
CA GLY A 139 -11.65 -6.72 -10.18
CA LYS A 140 -11.28 -4.84 -13.40
CA ILE A 141 -7.99 -3.62 -14.81
CA VAL A 142 -9.37 -0.15 -15.32
CA SER A 143 -6.64 2.28 -16.32
CA SER A 144 -3.50 0.48 -17.39
CA ALA A 145 -1.09 0.91 -20.27
CA MET A 146 2.38 -0.48 -20.80
CA GLU A 147 4.94 2.25 -21.19
CA PRO A 148 7.74 -0.12 -21.86
CA ASP A 149 6.92 -2.84 -24.31
CA ARG A 150 5.71 -5.40 -21.86
CA GLU A 151 6.41 -3.60 -18.67
CA TYR A 152 5.65 -0.46 -16.79
CA HIS A 153 8.03 2.38 -16.19
CA PHE A 154 8.91 3.71 -12.77
CA GLY A 155 6.18 5.78 -11.24
CA GLN A 156 3.52 4.59 -13.57
CA ALA A 157 0.25 3.70 -12.01
CA VAL A 158 -2.62 1.33 -12.49
CA ARG A 159 -6.15 1.83 -11.21
CA PHE A 160 -8.40 -1.00 -10.18
CA VAL A 161 -12.15 -1.04 -9.94
CA CYS A 162 -14.19 -3.79 -8.39
CA ASN A 163 -17.01 -5.59 -10.10
CA SER A 164 -20.34 -4.02 -9.34
CA GLY A 165 -21.84 -5.57 -6.30
CA TYR A 166 -18.34 -6.05 -4.92
CA LYS A 167 -16.63 -3.88 -2.35
CA ILE A 168 -12.96 -2.90 -2.48
CA GLU A 169 -10.65 -3.06 0.46
CA GLY A 170 -7.28 -1.41 0.19
CA ASP A 171 -6.09 1.39 -2.06
CA GLU A 172 -7.44 1.36 -5.59
CA GLU A 173 -4.25 2.60 -7.20
CA MET A 174 -0.81 1.07 -7.40
CA HIS A 175 2.55 2.57 -8.34
CA CYS A 176 5.53 0.90 -9.96
CA SER A 177 8.29 0.99 -7.41
CA ASP A 178 12.00 1.44 -8.01
CA ASP A 179 12.56 -2.04 -6.67
CA GLY A 180 10.53 -3.23 -9.58
CA PHE A 181 7.58 -4.34 -7.54
CA TRP A 182 4.14 -2.83 -7.56
CA SER A 183 2.73 -1.38 -4.40
CA LYS A 184 0.27 -3.50 -2.47
CA GLU A 185 -2.81 -4.51 -4.39
CA LYS A 186 -6.27 -3.93 -3.17
CA PRO A 187 -6.42 -6.81 -0.86
CA LYS A 188 -9.55 -7.76 -2.59
CA CYS A 189 -12.88 -7.10 -4.08
CA VAL A 190 -14.40 -9.17 -1.31
CA GLU A 191 -18.20 -9.79 -0.52
CA ILE A 192 -19.29 -12.12 2.47
CA SER A 193 -22.88 -10.94 4.00
CA CYS A 194 -26.36 -12.46 3.46
CA LYS A 195 -28.91 -14.07 1.22
CA SER A 196 -30.78 -12.48 -1.61
CA PRO A 197 -31.72 -9.08 -0.46
CA ASP A 198 -35.42 -8.70 -0.08
CA VAL A 199 -37.62 -6.36 -2.04
CA ILE A 200 -37.71 -2.74 -1.04
CA ASN A 201 -40.69 -0.51 -0.63
CA GLY A 202 -42.11 0.37 -4.00
CA SER A 203 -38.69 -0.16 -5.40
CA PRO A 204 -36.72 -2.45 -7.56
CA ILE A 205 -33.14 -3.69 -7.47
CA SER A 206 -31.10 -2.71 -10.47
CA GLN A 207 -28.35 -5.18 -9.92
CA LYS A 208 -28.92 -8.72 -8.91
CA ILE A 209 -25.72 -10.49 -8.03
CA ILE A 210 -24.52 -13.11 -5.59
CA TYR A 211 -24.27 -11.65 -2.14
CA LYS A 212 -21.86 -12.41 0.61
CA GLU A 213 -20.73 -10.09 3.35
CA ASN A 214 -19.60 -6.51 2.89
CA GLU A 215 -21.67 -5.58 -0.12
CA ARG A 216 -23.90 -2.68 -1.07
CA PHE A 217 -27.01 -2.81 -3.12
CA GLN A 218 -28.99 -0.37 -5.12
CA TYR A 219 -32.43 0.07 -3.72
CA LYS A 220 -33.98 2.31 -6.29
CA CYS A 221 -37.58 3.49 -6.35
CA ASN A 222 -39.77 3.33 -9.38
CA MET A 223 -41.99 5.84 -11.11
CA GLY A 224 -44.97 7.12 -9.19
CA TYR A 225 -43.09 7.24 -5.92
CA GLU A 226 -41.29 10.19 -4.44
CA TYR A 227 -37.74 9.32 -3.56
CA SER A 228 -36.38 10.65 -0.32
CA GLU A 229 -33.05 9.66 1.16
CA ARG A 230 -30.38 7.64 -0.53
CA GLY A 231 -31.35 4.55 -2.38
CA ASP A 232 -28.93 1.86 -1.47
CA ALA A 233 -28.76 -0.69 1.28
CA VAL A 234 -25.87 -2.62 2.75
CA CYS A 235 -25.47 -6.19 3.99
CA THR A 236 -25.21 -6.71 7.70
CA GLU A 237 -24.51 -10.41 7.37
CA SER A 238 -28.17 -11.24 7.71
CA GLY A 239 -30.41 -8.25 7.68
CA TRP A 240 -29.92 -5.31 5.39
CA ARG A 241 -29.10 -1.71 6.18
CA PRO A 242 -31.33 1.26 5.51
CA LEU A 243 -34.26 1.15 3.19
CA PRO A 244 -35.24 4.26 1.40
CA SER A 245 -38.31 6.36 1.87
CA CYS A 246 -40.29 5.68 -1.21
CA GLU A 247 -41.33 8.42 0.07
CA GLU A 248 -42.80 9.83 3.38
CA LYS A 249 -45.68 11.17 5.76
CA SER A 250 -46.04 14.82 7.21
CA CYS A 251 -46.38 15.55 11.07
CA ASP A 252 -46.41 18.23 13.61
CA ASN A 253 -43.66 18.26 16.16
CA PRO A 254 -45.29 17.36 19.44
CA TYR A 255 -44.44 19.19 22.55
CA ILE A 256 -44.14 17.25 25.58
CA PRO A 257 -42.92 19.29 28.45
CA ASN A 258 -42.01 16.72 30.68
CA GLY A 259 -42.90 13.42 29.01
CA ASP A 260 -40.89 10.93 27.03
CA TYR A 261 -41.94 9.18 23.80
CA SER A 262 -40.63 6.57 21.36
CA PRO A 263 -39.32 6.21 18.82
CA LEU A 264 -37.35 9.44 18.76
CA ARG A 265 -36.76 11.14 15.49
CA ILE A 266 -36.02 14.43 14.09
CA LYS A 267 -38.23 14.81 11.24
CA HIS A 268 -41.58 13.11 11.28
CA ARG A 269 -43.59 11.75 8.38
CA THR A 270 -47.31 11.09 8.00
CA GLY A 271 -48.73 8.12 9.91
CA ASP A 272 -46.38 7.69 12.88
CA GLU A 273 -47.84 6.69 16.22
CA ILE A 274 -45.60 7.02 19.29
CA THR A 275 -46.04 5.93 22.88
CA TYR A 276 -45.62 8.75 25.36
CA GLN A 277 -45.20 8.21 29.08
CA CYS A 278 -44.83 10.67 31.92
CA ARG A 279 -42.73 8.81 34.26
CA ASN A 280 -40.60 11.21 35.86
CA GLY A 281 -42.84 14.19 35.53
CA PHE A 282 -46.50 13.77 36.37
CA TYR A 283 -49.15 11.23 35.45
CA PRO A 284 -50.24 10.92 31.74
CA ALA A 285 -53.20 13.01 30.57
CA THR A 286 -55.17 10.51 28.58
CA ARG A 287 -56.33 7.03 29.37
CA GLY A 288 -53.93 5.59 26.87
CA ASN A 289 -50.33 6.58 26.35
CA THR A 290 -49.91 7.53 22.67
CA ALA A 291 -50.29 10.00 19.85
CA LYS A 292 -50.35 9.39 16.09
CA CYS A 293 -48.60 11.57 13.61
CA THR A 294 -50.91 12.84 10.92
CA SER A 295 -49.91 15.88 8.82
CA THR A 296 -50.51 18.84 11.15
CA GLY A 297 -50.33 17.41 14.64
CA TRP A 298 -50.67 14.30 16.80
CA ILE A 299 -53.58 12.16 18.14
CA PRO A 300 -54.81 11.21 20.55
CA ALA A 301 -52.51 13.06 22.87
CA PRO A 302 -49.10 13.26 24.50
CA ARG A 303 -49.55 15.28 27.66
CA CYS A 304 -48.04 14.86 31.05
CA THR A 305 -48.84 18.51 32.14
CA LEU A 306 -48.71 22.26 31.04
CA HIS A 307 -45.75 24.31 32.36
CA HIS A 308 -45.49 28.09 32.33
CA HIS A 309 -42.94 30.67 33.94
CA HIS A 310 -44.25 34.16 35.41
CA HIS A 311 -41.66 37.04 35.75
CA HIS A 312 -43.65 40.10 34.49
CA GLU A 1 52.17 19.22 -52.38
CA PHE A 2 48.75 20.47 -50.98
CA GLU A 3 45.92 17.93 -51.56
CA ASP A 4 43.33 18.31 -48.52
CA CYS A 5 40.23 16.96 -47.67
CA ASN A 6 36.93 15.19 -48.09
CA GLU A 7 34.84 14.01 -45.23
CA LEU A 8 37.05 11.83 -43.07
CA PRO A 9 37.21 8.13 -43.48
CA PRO A 10 34.83 5.87 -41.67
CA ARG A 11 35.85 2.90 -39.57
CA ARG A 12 33.66 -0.05 -38.63
CA ASN A 13 31.18 0.73 -35.86
CA THR A 14 33.13 3.86 -35.10
CA GLU A 15 32.81 7.40 -36.33
CA ILE A 16 34.67 10.71 -36.41
CA LEU A 17 33.83 13.07 -33.59
CA THR A 18 33.98 16.43 -35.29
CA GLY A 19 30.39 17.51 -35.03
CA SER A 20 28.92 15.23 -37.61
CA TRP A 21 27.85 16.84 -40.82
CA SER A 22 28.93 20.44 -40.95
CA ASP A 23 31.41 21.51 -43.56
CA GLN A 24 31.91 19.13 -46.48
CA THR A 25 35.59 19.67 -46.87
CA TYR A 26 38.44 20.49 -44.54
CA PRO A 27 41.73 22.19 -45.03
CA GLU A 28 45.17 20.63 -44.95
CA GLY A 29 46.74 20.40 -41.54
CA THR A 30 43.41 19.61 -39.98
CA GLN A 31 43.57 17.10 -37.19
CA ALA A 32 40.46 15.23 -36.19
CA ILE A 33 39.86 12.75 -33.44
CA TYR A 34 37.94 9.48 -33.64
CA LYS A 35 35.70 7.75 -31.15
CA CYS A 36 33.99 4.40 -30.82
CA ARG A 37 30.46 3.73 -29.69
CA PRO A 38 30.07 3.30 -26.00
CA GLY A 39 31.25 -0.17 -25.11
CA TYR A 40 34.11 -0.21 -27.59
CA ARG A 41 37.69 0.65 -26.92
CA SER A 42 39.72 2.67 -29.36
CA LEU A 43 43.04 1.03 -29.90
CA GLY A 44 45.17 2.87 -32.37
CA ASN A 45 45.52 6.35 -33.74
CA VAL A 46 42.74 8.12 -31.94
CA ILE A 47 43.52 11.03 -34.18
CA MET A 48 43.85 11.27 -37.95
CA VAL A 49 45.40 14.22 -39.70
CA CYS A 50 44.91 15.31 -43.23
CA ARG A 51 47.67 15.99 -45.66
CA LYS A 52 47.60 16.76 -49.35
CA GLY A 53 43.83 16.71 -49.34
CA GLU A 54 43.88 13.18 -48.08
CA TRP A 55 43.67 11.73 -44.65
CA VAL A 56 47.20 10.83 -43.90
CA ALA A 57 48.57 7.42 -44.57
CA LEU A 58 50.34 8.32 -41.41
CA ASN A 59 47.88 8.21 -38.61
CA PRO A 60 46.13 5.55 -40.57
CA LEU A 61 42.56 5.46 -39.41
CA ARG A 62 42.46 3.17 -36.41
CA LYS A 63 39.67 0.73 -35.73
CA CYS A 64 37.69 -0.06 -32.65
CA GLN A 65 38.86 -3.75 -32.56
CA LYS A 66 38.68 -5.62 -29.04
CA ARG A 67 35.41 -7.16 -27.38
CA PRO A 68 36.36 -9.42 -24.23
CA CYS A 69 33.71 -12.12 -22.54
CA GLY A 70 33.59 -15.81 -21.90
CA HIS A 71 30.94 -18.16 -23.11
CA PRO A 72 27.60 -17.08 -21.93
CA GLY A 73 25.62 -19.31 -19.64
CA ASP A 74 23.06 -21.69 -20.97
CA THR A 75 19.52 -20.77 -20.12
CA PRO A 76 17.38 -23.82 -20.43
CA PHE A 77 14.78 -22.88 -23.00
CA GLY A 78 16.66 -20.32 -24.99
CA THR A 79 19.41 -20.10 -27.55
CA PHE A 80 22.01 -17.46 -27.95
CA THR A 81 22.51 -15.87 -31.32
CA LEU A 82 25.48 -14.38 -33.10
CA THR A 83 27.06 -15.40 -29.89
CA GLY A 84 27.63 -18.74 -28.32
CA GLY A 85 31.23 -18.27 -29.17
CA ASN A 86 33.87 -19.24 -26.71
CA VAL A 87 34.84 -15.64 -26.18
CA PHE A 88 33.53 -12.30 -27.33
CA GLU A 89 35.30 -9.12 -28.22
CA TYR A 90 34.30 -6.18 -26.11
CA GLY A 91 31.33 -4.47 -27.68
CA VAL A 92 30.09 -7.60 -29.39
CA LYS A 93 26.37 -8.14 -29.09
CA ALA A 94 24.64 -11.38 -28.17
CA VAL A 95 20.98 -12.02 -27.78
CA TYR A 96 19.06 -14.59 -25.82
CA THR A 97 15.79 -15.80 -27.26
CA CYS A 98 13.40 -18.41 -26.01
CA ASN A 99 13.18 -21.48 -28.16
CA GLU A 100 10.12 -21.85 -30.33
CA GLY A 101 7.24 -22.87 -28.14
CA TYR A 102 8.56 -21.07 -25.11
CA GLN A 103 7.83 -17.68 -23.62
CA LEU A 104 9.84 -15.35 -21.44
CA LEU A 105 8.35 -12.68 -19.22
CA GLY A 106 10.86 -9.98 -20.09
CA GLU A 107 11.02 -11.06 -23.74
CA ILE A 108 14.31 -11.23 -25.64
CA ASN A 109 17.33 -9.96 -23.75
CA TYR A 110 20.37 -8.41 -25.37
CA ARG A 111 23.76 -8.01 -23.77
CA GLU A 112 26.81 -6.17 -24.93
CA CYS A 113 30.17 -7.62 -24.08
CA ASP A 114 31.84 -5.37 -21.59
CA THR A 115 35.51 -5.48 -20.82
CA ASP A 116 34.77 -8.56 -18.79
CA GLY A 117 31.83 -10.25 -17.18
CA TRP A 118 28.30 -10.62 -18.43
CA THR A 119 25.47 -9.04 -16.50
CA ASN A 120 22.98 -11.12 -14.54
CA ASP A 121 20.43 -12.79 -16.76
CA ILE A 122 16.82 -11.96 -15.96
CA PRO A 123 15.15 -14.11 -18.56
CA ILE A 124 13.33 -17.28 -17.65
CA CYS A 125 11.59 -19.15 -20.41
CA GLU A 126 8.48 -21.28 -19.31
CA VAL A 127 4.79 -22.46 -19.70
CA VAL A 128 2.42 -22.24 -16.66
CA LYS A 129 -0.03 -25.30 -15.92
CA CYS A 130 -3.24 -23.58 -13.96
CA LEU A 131 -6.20 -24.06 -11.71
CA PRO A 132 -9.51 -24.28 -13.34
CA VAL A 133 -10.57 -20.88 -14.57
CA THR A 134 -13.32 -19.16 -12.69
CA ALA A 135 -16.33 -18.24 -14.76
CA PRO A 136 -17.61 -14.77 -15.10
CA GLU A 137 -20.94 -14.07 -13.45
CA ASN A 138 -23.07 -14.03 -16.50
CA GLY A 139 -21.08 -16.24 -18.72
CA LYS A 140 -20.82 -19.71 -20.10
CA ILE A 141 -17.74 -21.90 -19.87
CA VAL A 142 -17.82 -22.62 -23.57
CA SER A 143 -14.71 -24.48 -24.66
CA SER A 144 -12.80 -25.86 -21.73
CA ALA A 145 -11.16 -29.19 -21.01
CA MET A 146 -8.68 -30.19 -18.34
CA GLU A 147 -5.45 -31.48 -19.83
CA PRO A 148 -3.97 -32.32 -16.51
CA ASP A 149 -6.30 -34.14 -14.20
CA ARG A 150 -7.75 -31.16 -12.47
CA GLU A 151 -5.70 -28.47 -14.03
CA TYR A 152 -4.77 -26.95 -17.33
CA HIS A 153 -1.45 -27.23 -19.03
CA PHE A 154 0.64 -24.28 -20.10
CA GLY A 155 -0.70 -22.57 -23.15
CA GLN A 156 -4.07 -24.14 -22.96
CA ALA A 157 -6.98 -21.85 -23.51
CA VAL A 158 -10.54 -21.42 -22.43
CA ARG A 159 -13.23 -19.56 -24.35
CA PHE A 160 -16.05 -17.70 -22.69
CA VAL A 161 -19.38 -16.72 -24.14
CA CYS A 162 -21.86 -14.43 -22.50
CA ASN A 163 -25.46 -15.28 -21.86
CA SER A 164 -27.69 -14.13 -24.64
CA GLY A 165 -28.89 -10.65 -23.99
CA TYR A 166 -25.60 -9.92 -22.25
CA LYS A 167 -22.65 -8.08 -23.72
CA ILE A 168 -19.04 -9.06 -23.17
CA GLU A 169 -16.33 -6.64 -22.29
CA GLY A 170 -12.75 -7.81 -22.47
CA ASP A 171 -11.17 -10.62 -24.44
CA GLU A 172 -13.23 -13.77 -24.75
CA GLU A 173 -10.29 -16.14 -24.54
CA MET A 174 -7.80 -16.79 -21.78
CA HIS A 175 -4.46 -18.57 -21.78
CA CYS A 176 -2.78 -20.50 -19.00
CA SER A 177 0.35 -18.57 -18.15
CA ASP A 178 3.69 -19.94 -17.07
CA ASP A 179 3.24 -18.25 -13.74
CA GLY A 180 0.29 -20.51 -13.26
CA PHE A 181 -2.29 -17.80 -13.52
CA TRP A 182 -4.83 -17.36 -16.26
CA SER A 183 -4.82 -14.22 -18.32
CA LYS A 184 -7.36 -11.56 -17.44
CA GLU A 185 -10.94 -12.67 -17.60
CA LYS A 186 -13.56 -10.90 -19.57
CA PRO A 187 -14.21 -8.22 -17.11
CA LYS A 188 -17.79 -9.14 -17.36
CA CYS A 189 -20.89 -10.02 -19.19
CA VAL A 190 -22.98 -6.80 -18.64
CA GLU A 191 -26.78 -6.81 -17.73
CA ILE A 192 -27.91 -3.67 -15.45
CA SER A 193 -30.79 -1.54 -14.09
CA CYS A 194 -30.12 1.40 -11.63
CA LYS A 195 -30.60 4.97 -10.59
CA SER A 196 -29.41 6.59 -7.44
CA PRO A 197 -30.00 4.15 -4.72
CA ASP A 198 -32.61 5.34 -2.30
CA VAL A 199 -32.08 6.09 1.34
CA ILE A 200 -31.94 3.22 3.76
CA ASN A 201 -33.64 2.88 7.08
CA GLY A 202 -31.95 5.09 9.61
CA SER A 203 -28.84 4.79 7.57
CA PRO A 204 -26.56 6.71 5.34
CA ILE A 205 -24.61 5.82 2.22
CA SER A 206 -20.89 6.19 2.63
CA GLN A 207 -20.08 6.17 -1.02
CA LYS A 208 -22.06 8.01 -3.60
CA ILE A 209 -21.03 7.13 -7.10
CA ILE A 210 -22.62 6.70 -10.49
CA TYR A 211 -24.56 3.49 -10.61
CA LYS A 212 -25.14 1.14 -13.46
CA GLU A 213 -25.77 -2.56 -13.27
CA ASN A 214 -23.81 -5.04 -11.19
CA GLU A 215 -22.80 -2.79 -8.33
CA ARG A 216 -22.86 -3.03 -4.56
CA PHE A 217 -23.47 -0.24 -2.15
CA GLN A 218 -22.73 0.38 1.45
CA TYR A 219 -25.88 0.75 3.43
CA LYS A 220 -24.50 1.67 6.80
CA CYS A 221 -26.53 2.59 9.87
CA ASN A 222 -25.84 5.58 12.00
CA MET A 223 -25.44 6.09 15.71
CA GLY A 224 -28.45 5.41 17.87
CA TYR A 225 -29.51 2.42 15.84
CA GLU A 226 -28.66 -1.19 16.46
CA TYR A 227 -27.17 -2.78 13.41
CA SER A 228 -28.27 -6.29 12.58
CA GLU A 229 -27.39 -8.10 9.39
CA ARG A 230 -24.93 -6.96 6.79
CA GLY A 231 -25.00 -3.40 5.68
CA ASP A 232 -24.73 -3.36 1.96
CA ALA A 233 -27.22 -3.57 -0.86
CA VAL A 234 -26.87 -4.59 -4.48
CA CYS A 235 -28.37 -3.29 -7.72
CA THR A 236 -30.96 -5.44 -9.38
CA GLU A 237 -31.19 -3.20 -12.43
CA SER A 238 -34.04 -1.26 -10.92
CA GLY A 239 -34.75 -2.11 -7.35
CA TRP A 240 -32.06 -2.73 -4.80
CA ARG A 241 -31.20 -5.88 -2.90
CA PRO A 242 -31.44 -6.33 0.86
CA LEU A 243 -31.73 -3.47 3.25
CA PRO A 244 -30.33 -3.85 6.68
CA SER A 245 -32.16 -4.11 9.93
CA CYS A 246 -31.42 -0.84 11.57
CA GLU A 247 -30.30 -1.19 14.72
CA GLU A 248 -29.32 -1.91 18.36
CA LYS A 249 -31.52 -0.42 21.44
CA SER A 250 -32.33 -2.77 24.62
CA CYS A 251 -31.80 -1.36 28.28
CA ASP A 252 -30.82 1.72 30.05
CA ASN A 253 -27.98 1.52 32.49
CA PRO A 254 -29.51 1.98 35.91
CA TYR A 255 -27.90 4.15 38.44
CA ILE A 256 -27.93 2.99 41.87
CA PRO A 257 -25.92 5.19 44.10
CA ASN A 258 -25.62 3.07 46.92
CA GLY A 259 -27.61 -0.08 46.15
CA ASP A 260 -26.60 -3.48 44.85
CA TYR A 261 -28.39 -5.53 42.19
CA SER A 262 -28.14 -8.93 40.49
CA PRO A 263 -27.22 -10.26 38.12
CA LEU A 264 -24.38 -7.92 37.22
CA ARG A 265 -23.59 -7.33 33.62
CA ILE A 266 -22.03 -4.87 31.42
CA LYS A 267 -24.27 -4.53 28.59
CA HIS A 268 -27.95 -5.04 29.08
CA ARG A 269 -30.50 -6.36 26.63
CA THR A 270 -34.27 -5.90 26.45
CA GLY A 271 -36.35 -7.75 29.07
CA ASP A 272 -33.99 -8.16 32.03
CA GLU A 273 -35.40 -7.83 35.53
CA ILE A 274 -32.91 -7.48 38.40
CA THR A 275 -33.34 -7.48 42.16
CA TYR A 276 -31.88 -4.42 43.83
CA GLN A 277 -31.33 -4.15 47.56
CA CYS A 278 -30.01 -1.30 49.68
CA ARG A 279 -28.37 -3.11 52.39
CA ASN A 280 -25.49 -1.19 53.32
CA GLY A 281 -26.76 2.17 52.25
CA PHE A 282 -30.30 3.12 53.19
CA TYR A 283 -33.64 1.37 52.97
CA PRO A 284 -35.09 0.55 49.48
CA ALA A 285 -37.38 3.11 47.83
CA THR A 286 -40.17 0.93 46.55
CA ARG A 287 -42.25 -1.71 48.22
CA GLY A 288 -40.60 -4.39 46.15
CA ASN A 289 -36.93 -4.72 45.37
CA THR A 290 -36.56 -4.85 41.57
CA ALA A 291 -36.43 -3.14 38.21
CA LYS A 292 -36.98 -4.59 34.72
CA CYS A 293 -34.88 -3.74 31.77
CA THR A 294 -36.93 -2.49 28.86
CA SER A 295 -35.25 -0.51 26.05
CA THR A 296 -34.74 2.96 27.55
CA GLY A 297 -34.70 2.42 31.29
CA TRP A 298 -35.76 0.20 34.18
CA ILE A 299 -39.06 -0.55 36.03
CA PRO A 300 -40.31 -0.46 38.61
CA ALA A 301 -37.36 1.09 40.37
CA PRO A 302 -33.93 0.60 41.87
CA ARG A 303 -33.48 3.36 44.41
CA CYS A 304 -31.89 3.33 47.79
CA THR A 305 -35.45 5.39 47.44
CA LEU A 306 -38.42 3.84 45.34
CA HIS A 307 -40.48 0.75 46.56
CA HIS A 308 -43.16 -1.32 44.87
CA HIS A 309 -46.94 -0.93 45.36
CA HIS A 310 -49.23 -2.57 42.42
CA HIS A 311 -52.89 -1.38 41.25
CA HIS A 312 -56.02 -3.79 42.11
CA GLU A 1 66.65 35.47 -3.42
CA PHE A 2 65.27 34.91 0.17
CA GLU A 3 61.46 35.72 -0.10
CA ASP A 4 59.78 36.18 3.34
CA CYS A 5 56.22 35.60 3.03
CA ASN A 6 56.42 31.93 2.23
CA GLU A 7 54.64 30.33 -0.62
CA LEU A 8 50.99 31.23 -0.29
CA PRO A 9 48.55 29.03 1.47
CA PRO A 10 46.72 26.32 -0.35
CA ARG A 11 42.97 25.80 -0.32
CA ARG A 12 41.12 22.60 -1.11
CA ASN A 13 40.93 21.85 -4.83
CA THR A 14 41.99 25.39 -5.52
CA GLU A 15 45.35 26.98 -6.07
CA ILE A 16 47.07 30.36 -6.22
CA LEU A 17 47.38 31.82 -9.68
CA THR A 18 50.72 33.53 -9.55
CA GLY A 19 52.66 31.52 -12.05
CA SER A 20 53.12 28.39 -10.02
CA TRP A 21 56.58 27.76 -8.74
CA SER A 22 58.81 30.71 -9.40
CA ASP A 23 60.23 32.60 -6.48
CA GLN A 24 60.11 30.85 -3.11
CA THR A 25 59.38 33.90 -1.05
CA TYR A 26 57.51 37.12 -1.61
CA PRO A 27 57.81 40.52 -0.12
CA GLU A 28 55.38 42.24 2.23
CA GLY A 29 52.60 44.13 0.56
CA THR A 30 52.32 41.49 -2.12
CA GLN A 31 48.81 40.79 -3.24
CA ALA A 32 48.03 37.54 -4.98
CA ILE A 33 44.83 36.26 -6.48
CA TYR A 34 43.33 32.79 -6.14
CA LYS A 35 41.44 30.65 -8.60
CA CYS A 36 39.49 27.43 -8.52
CA ARG A 37 39.64 24.60 -11.02
CA PRO A 38 37.25 24.94 -13.89
CA GLY A 39 33.82 23.99 -12.66
CA TYR A 40 34.23 25.54 -9.24
CA ARG A 41 33.11 28.95 -8.15
CA SER A 42 35.27 31.10 -5.97
CA LEU A 43 33.22 32.53 -3.17
CA GLY A 44 35.21 34.65 -0.83
CA ASN A 45 38.38 36.68 -0.89
CA VAL A 46 39.59 36.05 -4.39
CA ILE A 47 42.72 37.85 -3.33
CA MET A 48 45.02 37.33 -0.37
CA VAL A 49 47.59 39.84 0.71
CA CYS A 50 50.67 39.27 2.74
CA ARG A 51 51.59 41.20 5.82
CA LYS A 52 54.38 40.70 8.30
CA GLY A 53 55.72 37.79 6.30
CA GLU A 54 52.44 36.03 6.67
CA TRP A 55 49.43 35.84 4.48
CA VAL A 56 47.05 38.16 6.10
CA ALA A 57 44.51 37.01 8.61
CA LEU A 58 42.60 39.67 6.81
CA ASN A 59 41.75 38.40 3.40
CA PRO A 60 41.69 35.00 4.94
CA LEU A 61 42.23 32.51 2.19
CA ARG A 62 38.85 31.78 0.69
CA LYS A 63 37.74 28.36 -0.42
CA CYS A 64 36.05 27.12 -3.52
CA GLN A 65 35.79 23.43 -1.67
CA LYS A 66 34.42 21.50 1.59
CA ARG A 67 32.34 18.34 0.67
CA PRO A 68 30.72 15.60 3.34
CA CYS A 69 28.22 12.51 2.86
CA GLY A 70 27.83 8.88 2.03
CA HIS A 71 24.91 7.34 0.26
CA PRO A 72 21.77 8.04 2.07
CA GLY A 73 19.75 5.21 3.49
CA ASP A 74 16.92 3.67 1.58
CA THR A 75 13.53 4.38 3.06
CA PRO A 76 11.11 1.82 1.79
CA PHE A 77 8.44 3.83 0.04
CA GLY A 78 10.40 6.88 -0.95
CA THR A 79 12.98 7.94 -3.47
CA PHE A 80 15.79 10.37 -3.06
CA THR A 81 16.19 13.14 -5.57
CA LEU A 82 19.15 15.05 -6.91
CA THR A 83 20.84 12.76 -4.51
CA GLY A 84 21.22 9.06 -4.43
CA GLY A 85 24.79 9.63 -5.37
CA ASN A 86 27.49 7.61 -3.73
CA VAL A 87 28.80 10.66 -1.94
CA PHE A 88 27.71 14.25 -1.57
CA GLU A 89 29.69 17.42 -1.32
CA TYR A 90 29.09 19.33 1.85
CA GLY A 91 26.19 21.69 1.36
CA VAL A 92 24.56 19.56 -1.31
CA LYS A 93 20.84 19.13 -0.88
CA ALA A 94 18.89 15.89 -1.14
CA VAL A 95 15.24 15.35 -0.69
CA TYR A 96 13.23 12.32 0.29
CA THR A 97 9.78 11.96 -1.19
CA CYS A 98 7.27 9.20 -0.84
CA ASN A 99 6.63 7.25 -3.99
CA GLU A 100 3.42 7.94 -5.83
CA GLY A 101 0.61 6.29 -3.94
CA TYR A 102 2.27 6.66 -0.58
CA GLN A 103 1.95 9.21 2.16
CA LEU A 104 4.29 10.39 4.87
CA LEU A 105 3.18 12.05 8.08
CA GLY A 106 5.85 14.72 8.10
CA GLU A 107 5.68 15.17 4.32
CA ILE A 108 8.81 15.59 2.20
CA ASN A 109 12.05 15.84 4.15
CA TYR A 110 15.10 17.74 2.98
CA ARG A 111 18.60 17.29 4.27
CA GLU A 112 21.73 19.28 3.65
CA CYS A 113 24.99 17.42 3.54
CA ASP A 114 27.00 18.42 6.54
CA THR A 115 30.69 17.82 6.87
CA ASP A 116 29.84 14.24 7.59
CA GLY A 117 26.86 12.20 8.68
CA TRP A 118 23.24 12.54 7.73
CA THR A 119 20.70 13.39 10.38
CA ASN A 120 18.17 10.84 11.60
CA ASP A 121 15.34 10.32 9.16
CA ILE A 122 11.87 10.96 10.55
CA PRO A 123 9.86 10.10 7.49
CA ILE A 124 7.84 6.93 7.26
CA CYS A 125 5.76 6.41 4.18
CA GLU A 126 3.76 3.90 6.48
CA VAL A 127 0.67 1.71 5.42
CA VAL A 128 0.72 -1.58 7.77
CA LYS A 129 -2.85 -1.41 9.23
CA CYS A 130 -4.84 -4.64 10.10
CA LEU A 131 -8.12 -5.99 11.33
CA PRO A 132 -8.05 -7.85 14.53
CA VAL A 133 -6.46 -11.23 14.02
CA THR A 134 -8.73 -14.23 14.08
CA ALA A 135 -7.84 -16.83 16.67
CA PRO A 136 -7.09 -20.37 15.84
CA GLU A 137 -9.65 -22.91 16.97
CA ASN A 138 -7.81 -24.30 19.90
CA GLY A 139 -5.70 -21.38 20.79
CA LYS A 140 -5.33 -18.49 23.14
CA ILE A 141 -4.92 -14.88 22.08
CA VAL A 142 -1.92 -14.43 24.29
CA SER A 143 -0.23 -11.10 23.68
CA SER A 144 -2.45 -8.77 21.68
CA ALA A 145 -3.34 -5.11 22.00
CA MET A 146 -4.97 -2.77 19.54
CA GLU A 147 -2.74 0.18 18.72
CA PRO A 148 -5.31 1.82 16.55
CA ASP A 149 -8.76 1.92 18.03
CA ARG A 150 -10.02 -1.29 16.59
CA GLU A 151 -7.11 -2.24 14.48
CA TYR A 152 -3.43 -2.96 14.59
CA HIS A 153 -0.71 -0.76 13.27
CA PHE A 154 1.87 -1.87 10.76
CA GLY A 155 4.49 -4.11 12.22
CA GLN A 156 2.56 -4.90 15.31
CA ALA A 157 2.53 -8.49 16.36
CA VAL A 158 0.30 -10.96 18.07
CA ARG A 159 1.43 -14.12 19.85
CA PHE A 160 -0.62 -17.26 20.00
CA VAL A 161 -0.41 -20.08 22.47
CA CYS A 162 -2.18 -23.38 22.16
CA ASN A 163 -4.42 -24.86 24.80
CA SER A 164 -2.53 -27.19 27.06
CA GLY A 165 -2.62 -30.68 25.71
CA TYR A 166 -2.64 -29.22 22.21
CA LYS A 167 0.32 -28.94 19.88
CA ILE A 168 1.00 -25.96 17.65
CA GLU A 169 1.96 -26.22 14.03
CA GLY A 170 3.21 -23.13 12.27
CA ASP A 171 4.79 -19.99 13.65
CA GLU A 172 3.37 -18.73 16.93
CA GLU A 173 3.69 -15.06 16.07
CA MET A 174 2.08 -12.98 13.37
CA HIS A 175 2.91 -9.53 12.02
CA CYS A 176 0.60 -6.93 10.55
CA SER A 177 1.63 -6.55 6.94
CA ASP A 178 1.62 -3.41 4.85
CA ASP A 179 -1.02 -4.95 2.65
CA GLY A 180 -3.22 -4.93 5.68
CA PHE A 181 -3.26 -8.66 6.12
CA TRP A 182 -1.74 -10.61 8.97
CA SER A 183 0.93 -13.15 8.26
CA LYS A 184 -0.11 -16.78 8.15
CA GLU A 185 -1.68 -18.07 11.31
CA LYS A 186 -0.52 -21.09 13.12
CA PRO A 187 -2.17 -23.58 10.93
CA LYS A 188 -3.62 -25.01 14.03
CA CYS A 189 -3.48 -26.22 17.53
CA VAL A 190 -7.24 -26.33 18.23
CA GLU A 191 -8.93 -23.82 15.51
CA ILE A 192 -12.46 -25.50 15.05
CA SER A 193 -15.65 -23.90 16.75
CA CYS A 194 -19.24 -23.17 15.64
CA LYS A 195 -21.75 -20.39 15.45
CA SER A 196 -25.06 -20.45 13.73
CA PRO A 197 -24.54 -22.21 10.51
CA ASP A 198 -24.98 -19.94 7.57
CA VAL A 199 -27.60 -20.26 4.90
CA ILE A 200 -27.08 -22.78 2.17
CA ASN A 201 -27.55 -22.35 -1.53
CA GLY A 202 -31.22 -22.22 -2.34
CA SER A 203 -31.81 -24.24 0.73
CA PRO A 204 -33.25 -24.07 4.16
CA ILE A 205 -32.25 -25.58 7.48
CA SER A 206 -34.86 -27.86 8.93
CA GLN A 207 -33.48 -27.91 12.41
CA LYS A 208 -32.20 -24.88 14.17
CA ILE A 209 -30.49 -25.72 17.41
CA ILE A 210 -27.56 -24.50 19.45
CA TYR A 211 -24.33 -25.52 17.85
CA LYS A 212 -21.07 -26.44 19.41
CA GLU A 213 -18.44 -28.74 18.01
CA ASN A 214 -19.07 -32.15 16.50
CA GLU A 215 -22.52 -31.60 15.11
CA ARG A 216 -24.24 -32.26 11.81
CA PHE A 217 -26.86 -30.15 10.18
CA GLN A 218 -29.50 -30.70 7.61
CA TYR A 219 -28.90 -28.59 4.58
CA LYS A 220 -31.98 -29.32 2.57
CA CYS A 221 -32.92 -27.72 -0.74
CA ASN A 222 -36.31 -26.29 -1.48
CA MET A 223 -38.74 -26.71 -4.32
CA GLY A 224 -37.63 -25.50 -7.71
CA TYR A 225 -34.09 -26.68 -7.23
CA GLU A 226 -32.61 -29.96 -8.30
CA TYR A 227 -30.92 -31.70 -5.42
CA SER A 228 -27.64 -33.40 -6.12
CA GLU A 229 -25.39 -34.86 -3.46
CA ARG A 230 -26.25 -35.32 0.17
CA GLY A 231 -27.90 -32.51 2.01
CA ASP A 232 -26.21 -32.15 5.30
CA ALA A 233 -23.19 -30.24 6.52
CA VAL A 234 -20.94 -30.72 9.50
CA CYS A 235 -19.25 -28.32 11.91
CA THR A 236 -15.54 -27.89 11.59
CA GLU A 237 -15.28 -25.69 14.66
CA SER A 238 -15.61 -22.58 12.57
CA GLY A 239 -16.45 -23.22 8.99
CA TRP A 240 -18.92 -25.83 7.88
CA ARG A 241 -18.38 -28.97 5.85
CA PRO A 242 -19.85 -29.66 2.42
CA LEU A 243 -22.70 -27.72 0.98
CA PRO A 244 -25.00 -29.42 -1.40
CA SER A 245 -25.41 -28.84 -5.08
CA CYS A 246 -28.74 -27.18 -5.29
CA GLU A 247 -30.17 -26.72 -8.83
CA GLU A 248 -28.90 -25.24 -12.12
CA LYS A 249 -31.26 -23.00 -14.64
CA SER A 250 -28.43 -20.55 -16.15
CA CYS A 251 -30.35 -18.62 -19.10
CA ASP A 252 -29.44 -15.25 -20.32
CA ASN A 253 -30.80 -12.29 -18.49
CA PRO A 254 -33.29 -10.69 -20.84
CA TYR A 255 -33.41 -7.01 -21.26
CA ILE A 256 -36.68 -5.48 -21.54
CA PRO A 257 -36.49 -1.76 -21.59
CA ASN A 258 -39.88 -0.97 -20.94
CA GLY A 259 -41.76 -4.28 -20.75
CA ASP A 260 -42.84 -6.42 -17.85
CA TYR A 261 -42.59 -10.22 -17.60
CA SER A 262 -43.53 -13.03 -15.21
CA PRO A 263 -42.49 -14.79 -13.17
CA LEU A 264 -39.75 -12.54 -11.84
CA ARG A 265 -36.59 -14.08 -10.60
CA ILE A 266 -33.06 -13.27 -10.05
CA LYS A 267 -31.20 -16.10 -11.36
CA HIS A 268 -32.61 -18.06 -14.25
CA ARG A 269 -32.18 -21.72 -15.04
CA THR A 270 -32.47 -23.62 -18.32
CA GLY A 271 -36.00 -24.08 -19.72
CA ASP A 272 -37.97 -21.16 -18.30
CA GLU A 273 -40.57 -19.50 -20.49
CA ILE A 274 -41.97 -16.14 -19.35
CA THR A 275 -44.79 -13.98 -20.63
CA TYR A 276 -43.73 -10.45 -21.43
CA GLN A 277 -46.17 -7.62 -22.05
CA CYS A 278 -45.61 -4.00 -22.96
CA ARG A 279 -48.45 -2.38 -21.35
CA ASN A 280 -47.31 0.82 -20.22
CA GLY A 281 -44.58 1.31 -22.73
CA PHE A 282 -45.32 0.53 -26.34
CA TYR A 283 -46.95 -2.38 -28.13
CA PRO A 284 -45.23 -5.85 -28.03
CA ALA A 285 -42.78 -6.73 -30.82
CA THR A 286 -43.82 -10.25 -31.67
CA ARG A 287 -47.17 -11.76 -32.41
CA GLY A 288 -47.09 -13.66 -29.17
CA ASN A 289 -46.03 -12.36 -25.79
CA THR A 290 -43.27 -14.65 -24.49
CA ALA A 291 -39.67 -15.78 -24.42
CA LYS A 292 -38.18 -19.09 -23.28
CA CYS A 293 -35.05 -19.37 -21.26
CA THR A 294 -32.50 -21.64 -22.87
CA SER A 295 -28.83 -21.43 -21.82
CA THR A 296 -27.56 -18.29 -23.56
CA GLY A 297 -30.63 -16.19 -24.18
CA TRP A 298 -34.41 -16.14 -24.61
CA ILE A 299 -36.88 -17.15 -27.38
CA PRO A 300 -38.96 -16.15 -29.09
CA ALA A 301 -38.66 -12.58 -27.92
CA PRO A 302 -39.40 -10.03 -25.21
CA ARG A 303 -39.36 -6.66 -26.91
CA CYS A 304 -41.55 -3.66 -26.42
CA THR A 305 -40.08 -0.48 -27.91
CA LEU A 306 -36.58 0.91 -27.37
CA HIS A 307 -36.57 4.82 -27.29
CA HIS A 308 -35.95 7.74 -29.66
CA HIS A 309 -34.50 11.19 -28.22
CA HIS A 310 -34.82 14.12 -30.65
CA HIS A 311 -32.41 16.61 -32.34
CA HIS A 312 -32.89 20.13 -30.77
CA GLU A 1 70.14 28.23 -26.56
CA PHE A 2 66.72 28.71 -24.74
CA GLU A 3 63.96 31.41 -25.09
CA ASP A 4 62.65 33.05 -21.66
CA CYS A 5 59.22 32.48 -20.84
CA ASN A 6 59.52 29.62 -18.40
CA GLU A 7 57.65 26.42 -18.75
CA LEU A 8 53.98 27.29 -19.05
CA PRO A 9 51.72 27.42 -16.09
CA PRO A 10 49.91 24.36 -14.92
CA ARG A 11 46.18 24.14 -14.27
CA ARG A 12 44.42 21.61 -12.08
CA ASN A 13 44.06 18.20 -13.71
CA THR A 14 44.95 19.77 -17.02
CA GLU A 15 48.23 20.23 -18.81
CA ILE A 16 49.81 22.12 -21.69
CA LEU A 17 49.89 20.23 -24.95
CA THR A 18 53.16 21.32 -26.44
CA GLY A 19 55.04 18.06 -26.46
CA SER A 20 55.72 17.79 -22.78
CA TRP A 21 59.26 18.37 -21.72
CA SER A 22 61.36 19.59 -24.60
CA ASP A 23 62.85 23.02 -24.42
CA GLN A 24 62.96 24.65 -21.00
CA THR A 25 62.22 28.15 -22.13
CA TYR A 26 60.21 29.68 -24.93
CA PRO A 27 60.46 32.93 -26.76
CA GLU A 28 58.09 35.87 -26.56
CA GLY A 29 55.16 35.74 -28.90
CA THR A 30 54.85 32.01 -28.40
CA GLN A 31 51.31 30.76 -28.30
CA ALA A 32 50.56 27.43 -26.72
CA ILE A 33 47.34 25.52 -26.41
CA TYR A 34 45.99 23.71 -23.35
CA LYS A 35 44.06 20.51 -23.03
CA CYS A 36 42.23 18.65 -20.28
CA ARG A 37 42.35 14.95 -19.55
CA PRO A 38 39.81 12.93 -21.40
CA GLY A 39 36.49 13.37 -19.70
CA TYR A 40 37.02 17.03 -18.90
CA ARG A 41 35.83 19.98 -20.89
CA SER A 42 38.02 22.99 -21.42
CA LEU A 43 36.06 26.10 -20.75
CA GLY A 44 38.10 29.23 -21.15
CA ASN A 45 41.18 30.34 -22.99
CA VAL A 46 42.22 27.15 -24.67
CA ILE A 47 45.32 29.03 -25.65
CA MET A 48 47.80 31.02 -23.59
CA VAL A 49 50.34 33.36 -25.10
CA CYS A 50 53.52 34.57 -23.61
CA ARG A 51 54.53 38.17 -23.35
CA LYS A 52 57.46 39.79 -21.62
CA GLY A 53 58.80 36.43 -20.59
CA GLU A 54 55.61 35.72 -18.76
CA TRP A 55 52.50 33.91 -19.75
CA VAL A 56 50.12 36.65 -20.48
CA ALA A 57 47.76 37.99 -17.90
CA LEU A 58 45.67 38.20 -20.99
CA ASN A 59 44.69 34.74 -21.97
CA PRO A 60 44.83 33.91 -18.34
CA LEU A 61 45.33 30.20 -18.05
CA ARG A 62 41.91 28.63 -18.16
CA LYS A 63 40.86 25.71 -16.04
CA CYS A 64 39.07 22.52 -16.83
CA GLN A 65 35.64 21.93 -14.99
CA LYS A 66 31.86 21.16 -16.22
CA ARG A 67 30.33 18.28 -14.12
CA PRO A 68 27.19 19.53 -12.20
CA CYS A 69 24.44 17.08 -10.83
CA GLY A 70 21.32 15.36 -12.02
CA HIS A 71 17.85 15.97 -10.74
CA PRO A 72 17.69 15.39 -7.10
CA GLY A 73 15.48 12.66 -5.74
CA ASP A 74 11.98 13.38 -4.60
CA THR A 75 11.51 13.07 -0.88
CA PRO A 76 7.86 12.60 -0.16
CA PHE A 77 6.95 15.49 2.08
CA GLY A 78 9.50 18.02 1.00
CA THR A 79 10.21 20.35 -1.86
CA PHE A 80 13.52 21.35 -3.29
CA THR A 81 14.29 25.01 -3.72
CA LEU A 82 16.41 26.97 -6.17
CA THR A 83 16.96 23.51 -7.40
CA GLY A 84 14.67 20.97 -8.91
CA GLY A 85 16.40 21.70 -12.15
CA ASN A 86 17.26 18.89 -14.47
CA VAL A 87 20.95 19.40 -13.85
CA PHE A 88 23.04 21.59 -11.59
CA GLU A 89 26.33 23.27 -12.14
CA TYR A 90 28.99 22.20 -9.72
CA GLY A 91 28.85 24.40 -6.66
CA VAL A 92 25.17 25.17 -7.04
CA LYS A 93 23.21 24.95 -3.83
CA ALA A 94 19.88 23.22 -3.34
CA VAL A 95 17.88 22.89 -0.22
CA TYR A 96 15.31 20.37 0.89
CA THR A 97 12.52 21.60 3.12
CA CYS A 98 9.55 19.78 4.50
CA ASN A 99 6.24 20.93 3.13
CA GLU A 100 4.10 23.07 5.37
CA GLY A 101 2.53 20.87 7.98
CA TYR A 102 5.40 18.43 8.03
CA GLN A 103 8.43 18.07 10.26
CA LEU A 104 11.84 16.56 9.73
CA LEU A 105 14.09 15.35 12.51
CA GLY A 106 17.29 16.82 11.12
CA GLU A 107 15.51 19.96 9.90
CA ILE A 108 16.28 21.52 6.51
CA ASN A 109 19.12 19.90 4.61
CA TYR A 110 21.36 21.72 2.17
CA ARG A 111 23.53 20.09 -0.46
CA GLU A 112 26.13 21.55 -2.73
CA CYS A 113 26.50 20.10 -6.16
CA ASP A 114 29.77 18.29 -6.36
CA THR A 115 31.42 17.29 -9.57
CA ASP A 116 28.92 14.49 -9.73
CA GLY A 117 26.59 12.64 -7.42
CA TRP A 118 24.48 13.94 -4.60
CA THR A 119 25.14 12.76 -1.08
CA ASN A 120 22.76 10.43 0.72
CA ASP A 121 19.68 12.20 1.99
CA ILE A 122 19.08 11.91 5.73
CA PRO A 123 15.86 13.86 5.93
CA ILE A 124 12.55 12.17 6.51
CA CYS A 125 9.51 14.34 6.88
CA GLU A 126 7.15 12.41 9.29
CA VAL A 127 5.65 13.81 12.67
CA VAL A 128 1.99 12.05 12.18
CA LYS A 129 -0.05 11.59 15.43
CA CYS A 130 -3.48 10.53 17.37
CA LEU A 131 -7.15 10.24 16.70
CA PRO A 132 -9.36 12.61 18.48
CA VAL A 133 -9.61 11.66 22.12
CA THR A 134 -12.83 10.15 23.30
CA ALA A 135 -14.52 12.01 26.10
CA PRO A 136 -15.35 10.46 29.38
CA GLU A 137 -19.04 9.96 30.07
CA ASN A 138 -19.55 12.77 32.47
CA GLY A 139 -16.85 15.07 31.35
CA LYS A 140 -16.13 18.16 29.35
CA ILE A 141 -13.59 18.36 26.55
CA VAL A 142 -12.01 21.43 28.06
CA SER A 143 -8.81 22.36 26.24
CA SER A 144 -8.52 20.55 22.93
CA ALA A 145 -7.52 21.63 19.45
CA MET A 146 -6.58 19.58 16.43
CA GLU A 147 -3.09 20.38 15.22
CA PRO A 148 -3.32 18.11 12.27
CA ASP A 149 -6.52 18.42 10.32
CA ARG A 150 -8.48 15.79 12.13
CA GLU A 151 -5.84 14.50 14.42
CA TYR A 152 -3.44 15.52 17.12
CA HIS A 153 0.28 15.79 16.76
CA PHE A 154 2.75 13.98 18.97
CA GLY A 155 3.03 15.46 22.40
CA GLN A 156 -0.13 17.44 22.17
CA ALA A 157 -2.36 17.33 25.17
CA VAL A 158 -6.01 17.48 26.04
CA ARG A 159 -7.44 18.52 29.39
CA PHE A 160 -10.62 17.12 30.81
CA VAL A 161 -12.89 18.59 33.41
CA CYS A 162 -15.74 16.81 35.08
CA ASN A 163 -19.27 18.09 35.21
CA SER A 164 -19.92 20.04 38.35
CA GLY A 165 -21.16 17.76 41.06
CA TYR A 166 -19.00 15.01 39.60
CA LYS A 167 -15.62 13.88 40.89
CA ILE A 168 -12.71 12.94 38.68
CA GLU A 169 -10.59 9.89 39.19
CA GLY A 170 -7.38 9.58 37.25
CA ASP A 171 -5.19 12.22 35.67
CA GLU A 172 -7.02 15.13 34.07
CA GLU A 173 -4.59 15.51 31.18
CA MET A 174 -3.68 13.18 28.37
CA HIS A 175 -0.77 13.21 25.92
CA CYS A 176 -0.64 11.94 22.38
CA SER A 177 1.83 9.08 22.39
CA ASP A 178 4.26 8.09 19.67
CA ASP A 179 2.40 4.85 19.28
CA GLY A 180 -0.54 6.93 18.22
CA PHE A 181 -2.60 6.23 21.27
CA TRP A 182 -3.58 8.71 23.93
CA SER A 183 -2.52 8.14 27.49
CA LYS A 184 -5.05 6.68 29.86
CA GLU A 185 -8.21 8.69 30.24
CA LYS A 186 -9.56 9.78 33.52
CA PRO A 187 -11.15 6.59 34.45
CA LYS A 188 -14.25 8.52 35.02
CA CYS A 189 -16.21 11.39 36.34
CA VAL A 190 -17.91 8.34 38.11
CA GLU A 191 -20.09 7.92 41.46
CA ILE A 192 -21.07 4.05 42.14
CA SER A 193 -22.81 2.97 45.51
CA CYS A 194 -25.03 -0.13 44.56
CA LYS A 195 -28.43 -1.67 44.97
CA SER A 196 -29.21 -5.27 45.64
CA PRO A 197 -26.93 -7.25 43.50
CA ASP A 198 -28.76 -9.13 40.83
CA VAL A 199 -28.94 -12.86 40.47
CA ILE A 200 -26.02 -14.65 38.93
CA ASN A 201 -26.04 -17.32 36.31
CA GLY A 202 -27.25 -20.57 37.79
CA SER A 203 -26.01 -19.33 41.09
CA PRO A 204 -27.15 -18.14 44.42
CA ILE A 205 -25.90 -15.50 46.82
CA SER A 206 -24.84 -16.86 50.16
CA GLN A 207 -24.85 -13.59 51.97
CA LYS A 208 -27.51 -11.01 51.55
CA ILE A 209 -26.62 -7.76 53.25
CA ILE A 210 -27.10 -4.06 52.67
CA TYR A 211 -24.84 -2.87 49.93
CA LYS A 212 -23.13 0.42 49.50
CA GLU A 213 -19.92 1.10 47.67
CA ASN A 214 -16.72 -0.91 48.00
CA GLU A 215 -18.18 -4.29 48.79
CA ARG A 216 -17.66 -7.81 47.53
CA PHE A 217 -20.24 -10.48 47.17
CA GLN A 218 -20.22 -14.20 46.97
CA TYR A 219 -21.56 -15.37 43.67
CA LYS A 220 -21.61 -19.09 44.19
CA CYS A 221 -22.93 -21.67 41.76
CA ASN A 222 -25.26 -24.43 42.72
CA MET A 223 -25.26 -28.16 42.14
CA GLY A 224 -25.53 -29.34 38.58
CA TYR A 225 -23.33 -26.58 37.26
CA GLU A 226 -19.62 -26.71 36.67
CA TYR A 227 -17.87 -23.87 38.39
CA SER A 228 -15.09 -22.16 36.51
CA GLU A 229 -13.37 -19.00 37.66
CA ARG A 230 -13.76 -17.35 41.01
CA GLY A 231 -17.19 -16.94 42.44
CA ASP A 232 -17.46 -13.48 43.80
CA ALA A 233 -18.41 -10.14 42.34
CA VAL A 234 -17.67 -6.60 43.40
CA CYS A 235 -19.69 -3.40 43.44
CA THR A 236 -18.81 -0.78 40.91
CA GLU A 237 -21.22 1.76 42.34
CA SER A 238 -23.93 0.66 39.97
CA GLY A 239 -23.09 -2.39 38.00
CA TRP A 240 -21.31 -5.36 39.44
CA ARG A 241 -17.92 -6.80 38.63
CA PRO A 242 -17.25 -10.22 37.15
CA LEU A 243 -19.79 -12.96 37.10
CA PRO A 244 -18.62 -16.50 37.21
CA SER A 245 -18.77 -19.09 34.51
CA CYS A 246 -21.38 -21.44 35.75
CA GLU A 247 -24.38 -21.62 33.22
CA GLU A 248 -24.52 -19.76 29.65
CA LYS A 249 -26.62 -20.38 26.65
CA SER A 250 -25.14 -20.98 23.14
CA CYS A 251 -26.23 -19.91 19.80
CA ASP A 252 -26.15 -22.96 17.74
CA ASN A 253 -23.55 -23.24 15.07
CA PRO A 254 -25.40 -23.02 11.79
CA TYR A 255 -24.56 -25.28 8.99
CA ILE A 256 -24.56 -23.86 5.65
CA PRO A 257 -23.33 -26.26 3.09
CA ASN A 258 -22.74 -24.04 0.40
CA GLY A 259 -23.83 -20.59 1.57
CA ASP A 260 -21.93 -17.66 2.99
CA TYR A 261 -22.98 -15.48 5.94
CA SER A 262 -21.78 -12.39 7.82
CA PRO A 263 -20.38 -11.51 10.19
CA LEU A 264 -18.14 -14.53 10.66
CA ARG A 265 -17.24 -15.60 14.12
CA ILE A 266 -16.16 -18.55 16.00
CA LYS A 267 -18.20 -18.60 19.00
CA HIS A 268 -21.67 -17.18 18.89
CA ARG A 269 -23.65 -15.51 21.65
CA THR A 270 -27.37 -15.08 22.14
CA GLY A 271 -29.14 -12.59 19.86
CA ASP A 272 -26.97 -12.48 16.73
CA GLU A 273 -28.68 -12.18 13.36
CA ILE A 274 -26.58 -12.85 10.25
CA THR A 275 -27.28 -12.42 6.57
CA TYR A 276 -26.73 -15.58 4.56
CA GLN A 277 -26.55 -15.65 0.79
CA CYS A 278 -26.12 -18.52 -1.63
CA ARG A 279 -24.30 -16.93 -4.37
CA ASN A 280 -22.05 -19.39 -5.68
CA GLY A 281 -24.01 -22.43 -4.73
CA PHE A 282 -27.73 -22.44 -5.38
CA TYR A 283 -30.54 -19.98 -4.74
CA PRO A 284 -31.47 -19.14 -1.07
CA ALA A 285 -34.18 -21.22 0.61
CA THR A 286 -36.26 -18.56 2.29
CA ARG A 287 -37.75 -15.37 1.00
CA GLY A 288 -35.35 -13.35 3.08
CA ASN A 289 -31.67 -13.96 3.52
CA THR A 290 -30.99 -14.25 7.27
CA ALA A 291 -31.01 -16.23 10.49
CA LYS A 292 -30.94 -15.00 14.10
CA CYS A 293 -28.90 -16.57 16.79
CA THR A 294 -30.96 -17.56 19.78
CA SER A 295 -29.61 -20.12 22.29
CA THR A 296 -30.07 -23.46 20.52
CA GLY A 297 -30.18 -22.62 16.84
CA TRP A 298 -30.89 -19.97 14.21
CA ILE A 299 -34.03 -18.31 12.73
CA PRO A 300 -35.46 -17.87 10.28
CA ALA A 301 -33.11 -19.91 8.15
CA PRO A 302 -29.79 -20.13 6.37
CA ARG A 303 -30.22 -22.69 3.63
CA CYS A 304 -28.92 -22.74 0.12
CA THR A 305 -31.48 -23.79 -2.71
CA LEU A 306 -31.08 -25.82 -6.08
CA HIS A 307 -28.83 -26.47 -8.85
CA HIS A 308 -29.04 -29.51 -11.33
CA HIS A 309 -32.03 -30.85 -13.50
CA HIS A 310 -33.15 -34.03 -15.28
CA HIS A 311 -36.55 -34.84 -17.31
CA HIS A 312 -36.59 -36.74 -20.58
CA GLU A 1 1.95 48.93 7.87
CA PHE A 2 -0.54 49.39 11.09
CA GLU A 3 -4.42 49.58 10.35
CA ASP A 4 -6.14 50.65 13.68
CA CYS A 5 -9.52 49.97 13.41
CA ASN A 6 -9.31 46.44 14.70
CA GLU A 7 -10.74 43.50 12.91
CA LEU A 8 -14.38 44.27 12.24
CA PRO A 9 -17.10 43.21 14.57
CA PRO A 10 -18.75 39.87 14.23
CA ARG A 11 -22.47 39.28 14.03
CA ARG A 12 -24.29 36.05 14.81
CA ASN A 13 -24.01 33.46 12.06
CA THR A 14 -22.77 36.15 9.74
CA GLU A 15 -19.31 37.37 8.89
CA ILE A 16 -17.49 40.24 7.21
CA LEU A 17 -16.68 39.67 3.57
CA THR A 18 -13.34 41.36 3.21
CA GLY A 19 -11.15 38.41 2.42
CA SER A 20 -11.05 36.85 5.82
CA TRP A 21 -7.81 37.14 7.67
CA SER A 22 -5.42 39.41 5.87
CA ASP A 23 -4.35 42.61 7.51
CA GLN A 24 -4.98 42.89 11.25
CA THR A 25 -5.89 46.53 11.28
CA TYR A 26 -7.56 48.88 8.87
CA PRO A 27 -7.38 52.58 8.38
CA GLU A 28 -10.04 55.15 9.15
CA GLY A 29 -12.52 55.76 6.37
CA THR A 30 -12.51 52.10 5.48
CA GLN A 31 -15.87 50.74 4.45
CA ALA A 32 -16.50 47.04 4.61
CA ILE A 33 -19.50 45.02 3.60
CA TYR A 34 -21.14 42.17 5.52
CA LYS A 35 -22.74 38.98 4.33
CA CYS A 36 -24.78 36.18 5.83
CA ARG A 37 -24.38 32.48 5.24
CA PRO A 38 -26.35 31.16 2.34
CA GLY A 39 -29.93 30.84 3.43
CA TYR A 40 -29.94 33.97 5.54
CA ARG A 41 -31.09 37.38 4.53
CA SER A 42 -29.20 40.47 5.51
CA LEU A 43 -31.56 43.04 6.84
CA GLY A 44 -29.83 46.17 7.95
CA ASN A 45 -26.63 48.00 7.25
CA VAL A 46 -24.98 45.70 4.80
CA ILE A 47 -21.98 47.92 5.13
CA MET A 48 -20.10 49.13 8.20
CA VAL A 49 -17.63 51.96 8.11
CA CYS A 50 -14.87 52.68 10.52
CA ARG A 51 -14.30 55.97 12.21
CA LYS A 52 -11.90 56.98 14.92
CA GLY A 53 -10.40 53.53 14.94
CA GLU A 54 -13.74 52.07 15.77
CA TRP A 55 -16.43 50.61 13.62
CA VAL A 56 -18.95 53.34 13.45
CA ALA A 57 -21.82 53.55 15.85
CA LEU A 58 -23.39 54.79 12.69
CA ASN A 59 -23.81 51.88 10.39
CA PRO A 60 -24.19 49.80 13.45
CA LEU A 61 -23.34 46.25 12.53
CA ARG A 62 -26.51 44.69 11.22
CA LYS A 63 -27.57 41.15 11.94
CA CYS A 64 -28.86 38.40 9.75
CA GLN A 65 -28.37 34.93 11.28
CA LYS A 66 -27.37 32.82 14.24
CA ARG A 67 -28.91 29.13 14.84
CA PRO A 68 -28.08 26.82 17.82
CA CYS A 69 -30.12 23.48 17.99
CA GLY A 70 -31.60 21.07 15.52
CA HIS A 71 -33.50 17.96 16.37
CA PRO A 72 -31.46 15.73 18.49
CA GLY A 73 -30.50 12.31 17.23
CA ASP A 74 -32.55 9.28 18.06
CA THR A 75 -30.82 6.87 20.38
CA PRO A 76 -32.44 3.52 20.04
CA PHE A 77 -33.67 2.70 23.52
CA GLY A 78 -34.17 6.17 24.89
CA THR A 79 -36.56 9.06 24.62
CA PHE A 80 -35.82 12.72 24.78
CA THR A 81 -37.79 14.88 27.14
CA LEU A 82 -38.86 18.50 27.09
CA THR A 83 -37.02 18.30 23.87
CA GLY A 84 -37.64 16.39 20.73
CA GLY A 85 -38.60 19.66 19.21
CA ASN A 86 -37.48 20.51 15.73
CA VAL A 87 -35.21 23.22 17.02
CA PHE A 88 -34.13 24.46 20.41
CA GLU A 89 -33.38 27.90 21.68
CA TYR A 90 -29.89 28.31 22.99
CA GLY A 91 -29.82 27.42 26.64
CA VAL A 92 -32.76 25.07 26.41
CA LYS A 93 -32.28 21.80 28.24
CA ALA A 94 -33.04 18.34 26.91
CA VAL A 95 -32.54 15.05 28.59
CA TYR A 96 -32.06 11.58 27.25
CA THR A 97 -33.43 8.71 29.29
CA CYS A 98 -33.49 5.02 28.57
CA ASN A 99 -36.92 3.61 27.96
CA GLU A 100 -38.47 1.59 30.74
CA GLY A 101 -36.81 -1.78 30.81
CA TYR A 102 -33.51 -0.49 29.53
CA GLN A 103 -30.33 0.55 31.24
CA LEU A 104 -27.54 2.90 30.29
CA LEU A 105 -24.04 2.76 31.69
CA GLY A 106 -23.64 6.49 32.18
CA GLU A 107 -27.26 6.91 33.29
CA ILE A 108 -29.39 9.83 32.12
CA ASN A 109 -27.57 12.42 30.04
CA TYR A 110 -28.49 16.08 29.91
CA ARG A 111 -27.45 18.51 27.24
CA GLU A 112 -27.83 22.24 27.02
CA CYS A 113 -28.41 23.77 23.64
CA ASP A 114 -25.36 25.73 22.70
CA THR A 115 -25.32 28.30 19.97
CA ASP A 116 -25.23 25.42 17.55
CA GLY A 117 -24.41 21.76 17.55
CA TRP A 118 -25.13 19.14 20.15
CA THR A 119 -22.27 17.39 21.87
CA ASN A 120 -21.43 13.75 21.18
CA ASP A 121 -23.81 11.38 22.88
CA ILE A 122 -22.17 8.87 25.22
CA PRO A 123 -25.27 7.00 26.28
CA ILE A 124 -25.98 3.51 25.05
CA CYS A 125 -29.03 1.77 26.42
CA GLU A 126 -27.88 -0.88 23.45
CA VAL A 127 -24.13 -1.77 23.29
CA VAL A 128 -23.00 -2.89 19.79
CA LYS A 129 -21.30 -5.88 17.97
CA CYS A 130 -19.71 -6.79 15.18
CA LEU A 131 -16.07 -7.59 15.62
CA PRO A 132 -13.93 -7.31 12.60
CA VAL A 133 -14.64 -10.19 10.27
CA THR A 134 -12.02 -12.87 10.00
CA ALA A 135 -10.70 -13.44 6.52
CA PRO A 136 -10.85 -16.73 4.78
CA GLU A 137 -7.53 -18.47 4.27
CA ASN A 138 -7.10 -17.76 0.62
CA GLY A 139 -9.07 -14.63 0.34
CA LYS A 140 -8.83 -10.89 0.12
CA ILE A 141 -10.64 -8.48 2.41
CA VAL A 142 -11.99 -6.53 -0.51
CA SER A 143 -14.52 -3.95 0.62
CA SER A 144 -14.39 -3.41 4.35
CA ALA A 145 -14.42 -0.33 6.55
CA MET A 146 -15.02 0.03 10.26
CA GLU A 147 -18.00 2.23 11.00
CA PRO A 148 -17.51 2.08 14.69
CA ASP A 149 -13.96 2.59 15.81
CA ARG A 150 -12.90 -1.00 15.81
CA GLU A 151 -16.15 -2.62 14.96
CA TYR A 152 -18.85 -2.73 12.38
CA HIS A 153 -22.32 -1.35 12.77
CA PHE A 154 -25.47 -3.37 12.30
CA GLY A 155 -26.23 -4.09 8.70
CA GLN A 156 -22.83 -3.23 7.46
CA ALA A 157 -21.33 -5.59 4.97
CA VAL A 158 -17.99 -6.92 3.91
CA ARG A 159 -17.15 -8.38 0.52
CA PHE A 160 -14.62 -11.10 0.00
CA VAL A 161 -12.75 -12.01 -3.13
CA CYS A 162 -10.66 -15.09 -3.60
CA ASN A 163 -7.08 -15.08 -4.74
CA SER A 164 -6.80 -15.51 -8.45
CA GLY A 165 -6.56 -19.13 -9.33
CA TYR A 166 -8.80 -19.90 -6.36
CA LYS A 167 -12.50 -20.64 -6.46
CA ILE A 168 -14.99 -19.37 -3.91
CA GLU A 169 -17.63 -21.50 -2.33
CA GLY A 170 -20.37 -19.80 -0.36
CA ASP A 171 -21.69 -16.28 -0.53
CA GLU A 172 -19.11 -13.56 -1.13
CA GLU A 173 -20.76 -11.01 1.11
CA MET A 174 -21.43 -10.99 4.82
CA HIS A 175 -23.70 -8.84 6.96
CA CYS A 176 -23.27 -7.78 10.56
CA SER A 177 -26.13 -9.39 12.45
CA ASP A 178 -28.05 -7.99 15.38
CA ASP A 179 -26.70 -10.78 17.51
CA GLY A 180 -23.31 -9.32 16.88
CA PHE A 181 -22.10 -12.13 14.72
CA TRP A 182 -21.31 -11.96 11.04
CA SER A 183 -23.19 -14.14 8.63
CA LYS A 184 -21.50 -17.29 7.43
CA GLU A 185 -18.22 -16.75 5.69
CA LYS A 186 -17.43 -18.09 2.32
CA PRO A 187 -16.63 -21.54 3.39
CA LYS A 188 -13.44 -21.15 1.54
CA CYS A 189 -11.37 -20.16 -1.38
CA VAL A 190 -8.89 -21.31 -3.81
CA GLU A 191 -5.40 -22.16 -2.07
CA ILE A 192 -2.33 -23.40 -4.09
CA SER A 193 1.55 -22.84 -2.77
CA CYS A 194 4.56 -23.79 -4.95
CA LYS A 195 6.96 -26.61 -4.36
CA SER A 196 10.69 -26.52 -4.66
CA PRO A 197 11.44 -24.53 -7.70
CA ASP A 198 13.00 -26.62 -10.39
CA VAL A 199 16.44 -26.18 -11.80
CA ILE A 200 17.01 -23.48 -14.35
CA ASN A 201 18.87 -23.69 -17.59
CA GLY A 202 22.58 -23.85 -16.94
CA SER A 203 21.93 -22.04 -13.74
CA PRO A 204 21.91 -22.47 -10.04
CA ILE A 205 19.72 -21.15 -7.27
CA SER A 206 21.55 -19.03 -4.77
CA GLN A 207 18.93 -19.17 -2.10
CA LYS A 208 17.08 -22.28 -1.19
CA ILE A 209 14.24 -21.61 1.19
CA ILE A 210 10.76 -22.90 1.85
CA TYR A 211 8.40 -21.70 -0.79
CA LYS A 212 4.78 -20.81 -0.56
CA GLU A 213 2.89 -18.36 -2.69
CA ASN A 214 4.04 -14.87 -3.62
CA GLU A 215 7.76 -15.42 -3.61
CA ARG A 216 10.62 -14.59 -5.93
CA PHE A 217 13.69 -16.65 -6.55
CA GLN A 218 17.11 -15.98 -7.86
CA TYR A 219 17.73 -17.88 -11.03
CA LYS A 220 21.35 -17.10 -11.64
CA CYS A 221 23.50 -18.51 -14.41
CA ASN A 222 26.91 -19.95 -13.89
CA MET A 223 30.25 -19.41 -15.55
CA GLY A 224 30.55 -20.38 -19.17
CA TYR A 225 27.09 -19.15 -20.01
CA GLU A 226 26.13 -15.76 -21.34
CA TYR A 227 23.45 -14.18 -19.23
CA SER A 228 20.69 -12.36 -21.02
CA GLU A 229 17.59 -11.03 -19.35
CA ARG A 230 16.97 -10.83 -15.65
CA GLY A 231 17.79 -13.79 -13.51
CA ASP A 232 14.95 -14.31 -11.15
CA ALA A 233 11.72 -16.23 -11.33
CA VAL A 234 8.48 -15.90 -9.42
CA CYS A 235 6.00 -18.41 -8.03
CA THR A 236 2.69 -18.72 -9.79
CA GLU A 237 1.29 -21.12 -7.21
CA SER A 238 2.41 -24.09 -9.22
CA GLY A 239 4.57 -23.23 -12.14
CA TRP A 240 7.26 -20.62 -12.03
CA ARG A 241 7.54 -17.35 -13.90
CA PRO A 242 10.22 -16.47 -16.44
CA LEU A 243 13.41 -18.37 -16.78
CA PRO A 244 16.45 -16.57 -17.97
CA SER A 245 18.25 -16.93 -21.24
CA CYS A 246 21.41 -18.65 -20.27
CA GLU A 247 24.56 -19.03 -22.74
CA GLU A 248 26.80 -22.17 -23.15
CA LYS A 249 30.71 -21.40 -22.93
CA SER A 250 32.89 -24.55 -21.87
CA CYS A 251 35.48 -26.49 -24.02
CA ASP A 252 36.57 -30.02 -24.21
CA ASN A 253 39.97 -30.88 -22.93
CA PRO A 254 42.02 -31.79 -25.98
CA TYR A 255 44.28 -34.71 -25.93
CA ILE A 256 47.48 -34.36 -27.59
CA PRO A 257 49.68 -37.32 -27.07
CA ASN A 258 52.78 -35.96 -28.08
CA GLY A 259 52.10 -32.41 -29.25
CA ASP A 260 52.43 -29.06 -27.56
CA TYR A 261 49.93 -26.17 -27.70
CA SER A 262 49.58 -22.59 -26.45
CA PRO A 263 48.37 -20.96 -24.41
CA LEU A 264 48.26 -23.53 -21.64
CA ARG A 265 45.43 -23.44 -19.20
CA ILE A 266 43.61 -25.61 -16.90
CA LYS A 267 40.10 -24.91 -17.46
CA HIS A 268 38.96 -23.85 -20.88
CA ARG A 269 36.09 -21.57 -21.82
CA THR A 270 34.09 -21.28 -25.02
CA GLY A 271 35.85 -19.71 -28.02
CA ASP A 272 39.54 -20.40 -27.41
CA GLU A 273 41.75 -21.23 -30.37
CA ILE A 274 45.22 -22.64 -29.64
CA THR A 275 48.17 -23.39 -31.87
CA TYR A 276 49.40 -26.96 -31.60
CA GLN A 277 52.72 -28.13 -32.97
CA CYS A 278 54.31 -31.56 -33.01
CA ARG A 279 57.86 -30.72 -32.83
CA ASN A 280 59.41 -33.31 -30.89
CA GLY A 281 57.00 -36.05 -31.65
CA PHE A 282 55.89 -36.52 -35.23
CA TYR A 283 54.65 -34.19 -37.94
CA PRO A 284 51.28 -32.36 -37.43
CA ALA A 285 48.12 -34.04 -38.75
CA THR A 286 46.37 -31.15 -40.42
CA ARG A 287 47.57 -28.60 -42.91
CA GLY A 288 47.32 -25.89 -40.31
CA ASN A 289 48.46 -26.08 -36.72
CA THR A 290 45.47 -25.19 -34.52
CA ALA A 291 42.21 -26.11 -32.84
CA LYS A 292 39.43 -23.86 -31.53
CA CYS A 293 37.66 -24.41 -28.30
CA THR A 294 33.92 -24.60 -28.71
CA SER A 295 31.77 -26.19 -25.97
CA THR A 296 32.29 -29.94 -26.45
CA GLY A 297 35.61 -30.24 -28.23
CA TRP A 298 38.18 -28.55 -30.46
CA ILE A 299 38.43 -27.63 -34.19
CA PRO A 300 40.01 -28.05 -36.55
CA ALA A 301 42.41 -30.46 -34.95
CA PRO A 302 45.40 -30.97 -32.67
CA ARG A 303 46.96 -34.25 -33.69
CA CYS A 304 50.56 -35.25 -33.96
CA THR A 305 51.10 -38.96 -34.02
CA LEU A 306 49.81 -42.39 -32.47
CA HIS A 307 52.44 -44.97 -31.39
CA HIS A 308 50.35 -47.91 -30.02
CA HIS A 309 50.34 -51.29 -32.02
CA HIS A 310 50.59 -54.69 -30.24
CA HIS A 311 48.06 -57.27 -28.55
CA HIS A 312 49.97 -60.06 -26.53
#